data_9BLA
#
_entry.id   9BLA
#
_cell.length_a   50.682
_cell.length_b   61.790
_cell.length_c   67.473
_cell.angle_alpha   93.726
_cell.angle_beta   100.679
_cell.angle_gamma   108.337
#
_symmetry.space_group_name_H-M   'P 1'
#
loop_
_entity.id
_entity.type
_entity.pdbx_description
1 polymer 'MHC class I antigen'
2 polymer Beta-2-microglobulin
3 polymer 'C-terminal core peptide'
4 polymer 'Killer cell immunoglobulin-like receptor 3DL1'
5 non-polymer 2-acetamido-2-deoxy-beta-D-glucopyranose
#
loop_
_entity_poly.entity_id
_entity_poly.type
_entity_poly.pdbx_seq_one_letter_code
_entity_poly.pdbx_strand_id
1 'polypeptide(L)'
;GSHSMRYFSTSVSRPGRGEPRFIAVGYVDDTQFVRFDSDAASQRMEPRAPWIEQEGPEYWDEETGKVKAHSQTDRENLRI
ALRYYNQSEAGSHTLQMMFGCDVGSDGRFLRGYHQYAYDGKDYIALKEDLRSWTAADMAAQITKRKWEAAHVAEQQRAYL
EGTCVDGLRRYLENGKETLQRTDPPKTHMTHHPISDHEATLRCWALGFYPAEITLTWQRDGEDQTQDTELVETRPAGDGT
FQKWAAVVVPSGEEQRYTCHVQHEGLPKPLTLRWEP
;
A
2 'polypeptide(L)'
;MIQRTPKIQVYSRHPAENGKSNFLNCYVSGFHPSDIEVDLLKNGERIEKVEHSDLSFSKDWSFYLLYYTEFTPTEKDEYA
CRVNHVTLSQPKIVKWDRDM
;
B
3 'polypeptide(L)' RYPLTFGW C
4 'polypeptide(L)'
;HMGGQDKPFLSAWPSAVVPQGGHVTLRCHYRHRFNNFMLYKEDRIHIPIFHGRIFQESFNMSPVTTAHAGNYTCRGSHPH
SPTGWSAASNPVVIMVTGNHRKPSLLAHPGPLVKSGERVILQCWSDIMFEHFFLHKEGISKDPSRLVGQIHDGVSKANFS
IGPMMFALAGTYRCYGSVTHTPYQLSAPSDPLDIVVTGPYEKPSLSAQPGPKVQAGESVTLSCSSRSSYDMYHLSREGGA
HERRLPAVRKVNRTFQADFPLGPATHGGTYRCFGSFRHSPYEWSDPSDPLLVSVTGNPSHHHHHH
;
G
#
loop_
_chem_comp.id
_chem_comp.type
_chem_comp.name
_chem_comp.formula
NAG D-saccharide, beta linking 2-acetamido-2-deoxy-beta-D-glucopyranose 'C8 H15 N O6'
#
# COMPACT_ATOMS: atom_id res chain seq x y z
N GLY A 1 -14.79 22.86 -16.94
CA GLY A 1 -13.48 23.33 -16.51
C GLY A 1 -12.42 22.26 -16.53
N SER A 2 -11.27 22.54 -15.91
CA SER A 2 -10.17 21.59 -15.85
C SER A 2 -10.48 20.53 -14.80
N HIS A 3 -10.66 19.29 -15.25
CA HIS A 3 -10.97 18.17 -14.37
C HIS A 3 -9.79 17.21 -14.31
N SER A 4 -9.86 16.28 -13.36
CA SER A 4 -8.72 15.41 -13.08
C SER A 4 -9.20 14.05 -12.62
N MET A 5 -8.37 13.04 -12.87
CA MET A 5 -8.57 11.71 -12.31
C MET A 5 -7.28 11.26 -11.65
N ARG A 6 -7.39 10.75 -10.43
CA ARG A 6 -6.25 10.33 -9.63
C ARG A 6 -6.52 8.95 -9.05
N TYR A 7 -5.43 8.22 -8.81
CA TYR A 7 -5.41 6.97 -8.07
C TYR A 7 -4.28 7.08 -7.05
N PHE A 8 -4.61 6.80 -5.80
CA PHE A 8 -3.65 6.80 -4.70
C PHE A 8 -3.60 5.40 -4.11
N SER A 9 -2.39 4.87 -3.93
CA SER A 9 -2.21 3.54 -3.38
C SER A 9 -1.19 3.57 -2.25
N THR A 10 -1.50 2.85 -1.18
CA THR A 10 -0.67 2.78 0.02
C THR A 10 -0.45 1.31 0.36
N SER A 11 0.82 0.92 0.47
CA SER A 11 1.20 -0.43 0.87
C SER A 11 2.04 -0.31 2.13
N VAL A 12 1.61 -0.98 3.19
CA VAL A 12 2.28 -0.91 4.48
C VAL A 12 2.62 -2.31 4.95
N SER A 13 3.78 -2.46 5.59
CA SER A 13 4.23 -3.72 6.15
C SER A 13 4.29 -3.60 7.66
N ARG A 14 3.63 -4.53 8.35
CA ARG A 14 3.47 -4.51 9.80
C ARG A 14 4.00 -5.82 10.37
N PRO A 15 5.32 -5.95 10.49
CA PRO A 15 5.91 -7.21 10.98
C PRO A 15 5.44 -7.54 12.38
N GLY A 16 4.81 -8.71 12.53
CA GLY A 16 4.25 -9.15 13.79
C GLY A 16 2.88 -8.62 14.11
N ARG A 17 2.46 -7.52 13.47
CA ARG A 17 1.15 -6.91 13.70
C ARG A 17 0.08 -7.39 12.73
N GLY A 18 0.46 -7.80 11.53
CA GLY A 18 -0.51 -8.29 10.57
C GLY A 18 0.17 -8.64 9.26
N GLU A 19 -0.66 -8.85 8.24
CA GLU A 19 -0.14 -9.06 6.90
C GLU A 19 0.03 -7.72 6.20
N PRO A 20 0.88 -7.65 5.17
CA PRO A 20 1.01 -6.39 4.42
C PRO A 20 -0.33 -5.93 3.87
N ARG A 21 -0.60 -4.64 4.01
CA ARG A 21 -1.90 -4.07 3.68
C ARG A 21 -1.76 -3.13 2.50
N PHE A 22 -2.66 -3.28 1.52
CA PHE A 22 -2.69 -2.46 0.33
C PHE A 22 -4.07 -1.81 0.20
N ILE A 23 -4.13 -0.50 0.40
CA ILE A 23 -5.36 0.28 0.23
C ILE A 23 -5.20 1.17 -1.00
N ALA A 24 -6.18 1.12 -1.90
CA ALA A 24 -6.16 1.94 -3.09
C ALA A 24 -7.48 2.69 -3.23
N VAL A 25 -7.40 3.97 -3.59
CA VAL A 25 -8.57 4.81 -3.77
C VAL A 25 -8.45 5.54 -5.10
N GLY A 26 -9.58 5.68 -5.80
CA GLY A 26 -9.65 6.45 -7.02
C GLY A 26 -10.54 7.67 -6.79
N TYR A 27 -10.05 8.82 -7.23
CA TYR A 27 -10.76 10.08 -7.13
C TYR A 27 -10.92 10.65 -8.53
N VAL A 28 -12.06 11.29 -8.79
CA VAL A 28 -12.22 12.20 -9.91
C VAL A 28 -12.47 13.57 -9.33
N ASP A 29 -11.58 14.52 -9.63
CA ASP A 29 -11.55 15.80 -8.95
C ASP A 29 -11.47 15.59 -7.44
N ASP A 30 -12.57 15.86 -6.74
CA ASP A 30 -12.62 15.71 -5.30
C ASP A 30 -13.62 14.65 -4.85
N THR A 31 -14.09 13.80 -5.76
CA THR A 31 -15.10 12.78 -5.46
C THR A 31 -14.47 11.41 -5.63
N GLN A 32 -14.39 10.64 -4.55
CA GLN A 32 -13.89 9.28 -4.63
C GLN A 32 -14.94 8.37 -5.27
N PHE A 33 -14.50 7.48 -6.16
CA PHE A 33 -15.43 6.59 -6.85
C PHE A 33 -15.08 5.11 -6.70
N VAL A 34 -13.82 4.77 -6.48
CA VAL A 34 -13.44 3.37 -6.27
C VAL A 34 -12.53 3.24 -5.05
N ARG A 35 -12.47 2.02 -4.52
CA ARG A 35 -11.54 1.66 -3.47
C ARG A 35 -11.21 0.17 -3.60
N PHE A 36 -10.03 -0.21 -3.16
CA PHE A 36 -9.67 -1.62 -3.02
C PHE A 36 -8.87 -1.81 -1.75
N ASP A 37 -9.33 -2.71 -0.89
CA ASP A 37 -8.63 -3.05 0.35
C ASP A 37 -8.21 -4.51 0.27
N SER A 38 -6.92 -4.75 0.51
CA SER A 38 -6.42 -6.12 0.55
C SER A 38 -6.80 -6.86 1.82
N ASP A 39 -7.51 -6.21 2.74
CA ASP A 39 -7.94 -6.85 3.98
C ASP A 39 -9.43 -7.05 4.08
N ALA A 40 -10.21 -6.56 3.13
CA ALA A 40 -11.64 -6.83 3.11
C ALA A 40 -11.90 -8.23 2.55
N ALA A 41 -13.16 -8.67 2.68
CA ALA A 41 -13.51 -10.03 2.27
C ALA A 41 -13.77 -10.13 0.77
N SER A 42 -14.24 -9.05 0.14
CA SER A 42 -14.58 -9.10 -1.28
C SER A 42 -13.37 -9.40 -2.14
N GLN A 43 -12.23 -8.76 -1.84
CA GLN A 43 -11.03 -8.86 -2.66
C GLN A 43 -11.29 -8.35 -4.09
N ARG A 44 -12.24 -7.43 -4.24
CA ARG A 44 -12.60 -6.88 -5.53
C ARG A 44 -12.62 -5.36 -5.48
N MET A 45 -12.37 -4.75 -6.64
CA MET A 45 -12.54 -3.30 -6.76
C MET A 45 -13.97 -2.92 -6.44
N GLU A 46 -14.16 -2.15 -5.39
CA GLU A 46 -15.51 -1.82 -4.95
C GLU A 46 -15.91 -0.42 -5.41
N PRO A 47 -17.17 -0.23 -5.75
CA PRO A 47 -17.65 1.13 -6.05
C PRO A 47 -17.83 1.93 -4.77
N ARG A 48 -17.52 3.23 -4.85
CA ARG A 48 -17.72 4.16 -3.74
C ARG A 48 -18.47 5.41 -4.16
N ALA A 49 -19.13 5.40 -5.32
CA ALA A 49 -19.87 6.55 -5.82
C ALA A 49 -21.00 6.04 -6.72
N PRO A 50 -22.16 6.68 -6.71
CA PRO A 50 -23.31 6.15 -7.46
C PRO A 50 -23.12 6.20 -8.97
N TRP A 51 -22.42 7.19 -9.50
CA TRP A 51 -22.31 7.32 -10.95
C TRP A 51 -21.41 6.27 -11.58
N ILE A 52 -20.66 5.50 -10.78
CA ILE A 52 -19.83 4.44 -11.31
C ILE A 52 -20.48 3.07 -11.16
N GLU A 53 -21.51 2.94 -10.33
CA GLU A 53 -22.19 1.66 -10.15
C GLU A 53 -22.80 1.14 -11.45
N GLN A 54 -23.00 2.01 -12.45
CA GLN A 54 -23.64 1.65 -13.70
C GLN A 54 -22.72 0.93 -14.69
N GLU A 55 -21.51 0.56 -14.28
CA GLU A 55 -20.58 -0.11 -15.18
C GLU A 55 -20.86 -1.62 -15.19
N GLY A 56 -20.48 -2.26 -16.29
CA GLY A 56 -20.73 -3.67 -16.46
C GLY A 56 -19.73 -4.53 -15.72
N PRO A 57 -20.03 -5.83 -15.61
CA PRO A 57 -19.10 -6.75 -14.95
C PRO A 57 -17.74 -6.84 -15.59
N GLU A 58 -17.63 -6.64 -16.91
CA GLU A 58 -16.32 -6.63 -17.55
C GLU A 58 -15.43 -5.55 -16.95
N TYR A 59 -16.01 -4.38 -16.65
CA TYR A 59 -15.25 -3.29 -16.04
C TYR A 59 -14.69 -3.70 -14.69
N TRP A 60 -15.54 -4.24 -13.82
CA TRP A 60 -15.08 -4.58 -12.47
C TRP A 60 -14.11 -5.74 -12.49
N ASP A 61 -14.28 -6.71 -13.38
CA ASP A 61 -13.30 -7.78 -13.49
C ASP A 61 -11.95 -7.25 -13.94
N GLU A 62 -11.94 -6.40 -14.98
CA GLU A 62 -10.67 -5.82 -15.44
C GLU A 62 -10.00 -5.01 -14.34
N GLU A 63 -10.76 -4.13 -13.68
CA GLU A 63 -10.19 -3.25 -12.66
C GLU A 63 -9.71 -4.03 -11.45
N THR A 64 -10.47 -5.03 -11.01
CA THR A 64 -10.03 -5.87 -9.90
C THR A 64 -8.76 -6.62 -10.25
N GLY A 65 -8.68 -7.14 -11.47
CA GLY A 65 -7.45 -7.80 -11.89
C GLY A 65 -6.26 -6.88 -11.81
N LYS A 66 -6.39 -5.68 -12.37
CA LYS A 66 -5.26 -4.74 -12.39
C LYS A 66 -4.89 -4.27 -10.98
N VAL A 67 -5.88 -4.00 -10.12
CA VAL A 67 -5.55 -3.53 -8.77
C VAL A 67 -4.98 -4.66 -7.90
N LYS A 68 -5.40 -5.92 -8.10
CA LYS A 68 -4.79 -7.01 -7.34
C LYS A 68 -3.36 -7.28 -7.83
N ALA A 69 -3.14 -7.15 -9.13
CA ALA A 69 -1.77 -7.21 -9.65
C ALA A 69 -0.91 -6.14 -9.03
N HIS A 70 -1.44 -4.92 -8.91
CA HIS A 70 -0.68 -3.86 -8.25
C HIS A 70 -0.46 -4.18 -6.78
N SER A 71 -1.44 -4.81 -6.13
CA SER A 71 -1.27 -5.21 -4.74
C SER A 71 -0.06 -6.14 -4.58
N GLN A 72 -0.04 -7.22 -5.35
CA GLN A 72 1.11 -8.13 -5.29
C GLN A 72 2.41 -7.42 -5.67
N THR A 73 2.37 -6.57 -6.69
CA THR A 73 3.57 -5.87 -7.16
C THR A 73 4.17 -5.01 -6.07
N ASP A 74 3.36 -4.14 -5.46
CA ASP A 74 3.89 -3.25 -4.42
C ASP A 74 4.24 -4.00 -3.15
N ARG A 75 3.52 -5.09 -2.83
CA ARG A 75 3.92 -5.95 -1.73
C ARG A 75 5.34 -6.46 -1.93
N GLU A 76 5.68 -6.83 -3.17
CA GLU A 76 7.05 -7.27 -3.43
C GLU A 76 8.03 -6.10 -3.52
N ASN A 77 7.59 -4.94 -4.00
CA ASN A 77 8.45 -3.77 -4.05
C ASN A 77 8.89 -3.35 -2.65
N LEU A 78 8.05 -3.60 -1.64
CA LEU A 78 8.48 -3.38 -0.25
C LEU A 78 9.73 -4.20 0.07
N ARG A 79 9.71 -5.49 -0.24
CA ARG A 79 10.85 -6.35 0.03
C ARG A 79 12.07 -5.89 -0.77
N ILE A 80 11.87 -5.52 -2.03
CA ILE A 80 13.00 -5.05 -2.84
C ILE A 80 13.59 -3.78 -2.22
N ALA A 81 12.74 -2.89 -1.72
CA ALA A 81 13.22 -1.69 -1.05
C ALA A 81 14.04 -2.04 0.18
N LEU A 82 13.63 -3.08 0.90
CA LEU A 82 14.42 -3.52 2.07
C LEU A 82 15.88 -3.73 1.70
N ARG A 83 16.14 -4.33 0.53
CA ARG A 83 17.51 -4.54 0.11
C ARG A 83 18.11 -3.32 -0.59
N TYR A 84 17.27 -2.42 -1.10
CA TYR A 84 17.80 -1.21 -1.74
C TYR A 84 18.41 -0.27 -0.71
N TYR A 85 17.79 -0.17 0.47
CA TYR A 85 18.30 0.66 1.55
C TYR A 85 18.99 -0.15 2.63
N ASN A 86 19.15 -1.46 2.43
CA ASN A 86 19.70 -2.38 3.42
C ASN A 86 19.03 -2.20 4.78
N GLN A 87 17.70 -2.27 4.77
CA GLN A 87 16.91 -2.09 5.98
C GLN A 87 16.59 -3.45 6.60
N SER A 88 16.38 -3.43 7.91
CA SER A 88 16.05 -4.65 8.63
C SER A 88 14.69 -5.16 8.17
N GLU A 89 14.51 -6.48 8.24
CA GLU A 89 13.26 -7.12 7.88
C GLU A 89 12.28 -7.15 9.03
N ALA A 90 12.54 -6.39 10.09
CA ALA A 90 11.63 -6.31 11.23
C ALA A 90 11.00 -4.94 11.42
N GLY A 91 11.34 -3.96 10.58
CA GLY A 91 10.75 -2.65 10.67
C GLY A 91 9.51 -2.50 9.80
N SER A 92 8.75 -1.45 10.07
CA SER A 92 7.52 -1.16 9.35
C SER A 92 7.76 -0.02 8.37
N HIS A 93 7.41 -0.23 7.11
CA HIS A 93 7.71 0.73 6.07
C HIS A 93 6.50 0.95 5.17
N THR A 94 6.54 2.04 4.40
CA THR A 94 5.41 2.50 3.62
C THR A 94 5.82 2.72 2.18
N LEU A 95 4.90 2.42 1.26
CA LEU A 95 5.13 2.61 -0.17
C LEU A 95 3.87 3.19 -0.77
N GLN A 96 3.96 4.39 -1.33
CA GLN A 96 2.81 5.09 -1.86
C GLN A 96 3.00 5.34 -3.35
N MET A 97 1.90 5.29 -4.10
CA MET A 97 1.93 5.53 -5.54
C MET A 97 0.78 6.45 -5.91
N MET A 98 1.10 7.52 -6.63
CA MET A 98 0.11 8.46 -7.12
C MET A 98 0.16 8.45 -8.64
N PHE A 99 -0.97 8.15 -9.27
CA PHE A 99 -1.08 8.07 -10.72
C PHE A 99 -2.30 8.86 -11.17
N GLY A 100 -2.26 9.42 -12.37
CA GLY A 100 -3.45 10.08 -12.86
C GLY A 100 -3.18 11.05 -14.00
N CYS A 101 -4.23 11.80 -14.33
CA CYS A 101 -4.19 12.71 -15.48
C CYS A 101 -5.13 13.88 -15.28
N ASP A 102 -4.88 14.92 -16.05
CA ASP A 102 -5.66 16.15 -16.08
C ASP A 102 -6.21 16.35 -17.49
N VAL A 103 -7.42 16.92 -17.58
CA VAL A 103 -7.98 17.34 -18.85
C VAL A 103 -8.57 18.72 -18.66
N GLY A 104 -8.73 19.45 -19.77
CA GLY A 104 -9.33 20.76 -19.77
C GLY A 104 -10.78 20.72 -20.24
N SER A 105 -11.37 21.92 -20.30
CA SER A 105 -12.74 22.03 -20.80
C SER A 105 -12.84 21.53 -22.24
N ASP A 106 -11.73 21.58 -23.00
CA ASP A 106 -11.69 21.01 -24.33
C ASP A 106 -11.76 19.48 -24.32
N GLY A 107 -11.60 18.87 -23.15
CA GLY A 107 -11.61 17.42 -23.06
C GLY A 107 -10.33 16.75 -23.51
N ARG A 108 -9.28 17.53 -23.75
CA ARG A 108 -8.00 16.99 -24.21
C ARG A 108 -7.02 16.88 -23.04
N PHE A 109 -6.01 16.04 -23.24
CA PHE A 109 -5.00 15.81 -22.21
C PHE A 109 -4.29 17.10 -21.84
N LEU A 110 -3.94 17.23 -20.56
CA LEU A 110 -3.23 18.38 -20.04
C LEU A 110 -1.91 17.99 -19.38
N ARG A 111 -1.93 17.11 -18.37
CA ARG A 111 -0.74 16.72 -17.64
C ARG A 111 -0.97 15.34 -17.04
N GLY A 112 0.07 14.52 -17.02
CA GLY A 112 -0.03 13.17 -16.49
C GLY A 112 1.01 12.91 -15.43
N TYR A 113 0.58 12.24 -14.34
CA TYR A 113 1.44 11.93 -13.21
C TYR A 113 1.55 10.42 -13.03
N HIS A 114 2.76 9.97 -12.68
CA HIS A 114 3.02 8.58 -12.27
C HIS A 114 4.25 8.63 -11.36
N GLN A 115 4.01 8.72 -10.05
CA GLN A 115 5.06 8.94 -9.07
C GLN A 115 4.94 7.95 -7.92
N TYR A 116 6.07 7.69 -7.28
CA TYR A 116 6.15 6.80 -6.14
C TYR A 116 6.84 7.49 -4.98
N ALA A 117 6.62 6.95 -3.79
CA ALA A 117 7.23 7.44 -2.56
C ALA A 117 7.47 6.27 -1.62
N TYR A 118 8.57 6.34 -0.89
CA TYR A 118 8.95 5.32 0.08
C TYR A 118 9.14 5.97 1.44
N ASP A 119 8.31 5.58 2.40
CA ASP A 119 8.33 6.13 3.76
C ASP A 119 8.12 7.64 3.74
N GLY A 120 7.20 8.10 2.89
CA GLY A 120 6.83 9.50 2.84
C GLY A 120 7.76 10.39 2.04
N LYS A 121 8.93 9.90 1.64
CA LYS A 121 9.85 10.66 0.81
C LYS A 121 9.66 10.28 -0.65
N ASP A 122 9.89 11.25 -1.53
CA ASP A 122 9.81 10.98 -2.96
C ASP A 122 10.74 9.83 -3.35
N TYR A 123 10.28 9.01 -4.28
CA TYR A 123 11.09 7.91 -4.79
C TYR A 123 11.42 8.10 -6.26
N ILE A 124 10.53 7.65 -7.14
CA ILE A 124 10.67 7.89 -8.57
C ILE A 124 9.42 8.58 -9.08
N ALA A 125 9.60 9.53 -9.99
CA ALA A 125 8.49 10.33 -10.50
C ALA A 125 8.59 10.39 -12.02
N LEU A 126 7.44 10.51 -12.67
CA LEU A 126 7.38 10.63 -14.12
C LEU A 126 7.34 12.10 -14.50
N LYS A 127 8.24 12.51 -15.39
CA LYS A 127 8.29 13.90 -15.81
C LYS A 127 7.10 14.24 -16.71
N GLU A 128 6.82 15.54 -16.83
CA GLU A 128 5.67 15.99 -17.61
C GLU A 128 5.82 15.67 -19.08
N ASP A 129 7.06 15.55 -19.57
CA ASP A 129 7.29 15.07 -20.93
C ASP A 129 6.81 13.63 -21.12
N LEU A 130 6.67 12.87 -20.03
CA LEU A 130 6.21 11.48 -20.07
C LEU A 130 7.18 10.58 -20.82
N ARG A 131 8.48 10.88 -20.74
CA ARG A 131 9.51 10.10 -21.42
C ARG A 131 10.73 9.81 -20.56
N SER A 132 10.87 10.45 -19.40
CA SER A 132 12.01 10.26 -18.53
C SER A 132 11.54 10.16 -17.09
N TRP A 133 12.45 9.70 -16.24
CA TRP A 133 12.15 9.50 -14.83
C TRP A 133 13.05 10.37 -13.97
N THR A 134 12.49 10.83 -12.86
CA THR A 134 13.23 11.55 -11.84
C THR A 134 13.40 10.61 -10.66
N ALA A 135 14.63 10.22 -10.39
CA ALA A 135 14.95 9.40 -9.23
C ALA A 135 15.50 10.32 -8.14
N ALA A 136 14.94 10.19 -6.93
CA ALA A 136 15.36 11.05 -5.82
C ALA A 136 16.69 10.59 -5.26
N ASP A 137 16.76 9.35 -4.77
CA ASP A 137 17.96 8.82 -4.17
C ASP A 137 18.58 7.75 -5.09
N MET A 138 19.57 7.02 -4.56
CA MET A 138 20.25 6.01 -5.37
C MET A 138 19.34 4.81 -5.61
N ALA A 139 18.67 4.33 -4.57
CA ALA A 139 17.74 3.21 -4.72
C ALA A 139 16.72 3.50 -5.81
N ALA A 140 16.30 4.77 -5.95
CA ALA A 140 15.37 5.11 -7.01
C ALA A 140 16.04 5.13 -8.38
N GLN A 141 17.33 5.44 -8.44
CA GLN A 141 18.04 5.34 -9.71
C GLN A 141 18.15 3.89 -10.16
N ILE A 142 18.24 2.95 -9.22
CA ILE A 142 18.19 1.53 -9.58
C ILE A 142 16.90 1.23 -10.34
N THR A 143 15.76 1.61 -9.75
CA THR A 143 14.47 1.37 -10.38
C THR A 143 14.36 2.13 -11.70
N LYS A 144 14.92 3.33 -11.76
CA LYS A 144 14.90 4.14 -12.98
C LYS A 144 15.63 3.43 -14.11
N ARG A 145 16.76 2.80 -13.80
CA ARG A 145 17.51 2.08 -14.82
C ARG A 145 16.74 0.83 -15.27
N LYS A 146 16.21 0.06 -14.32
CA LYS A 146 15.38 -1.08 -14.69
C LYS A 146 14.23 -0.66 -15.59
N TRP A 147 13.63 0.48 -15.30
CA TRP A 147 12.45 0.96 -16.00
C TRP A 147 12.78 1.50 -17.38
N GLU A 148 13.92 2.20 -17.51
CA GLU A 148 14.41 2.57 -18.83
C GLU A 148 14.75 1.34 -19.67
N ALA A 149 15.24 0.27 -19.03
CA ALA A 149 15.53 -0.96 -19.74
C ALA A 149 14.26 -1.71 -20.14
N ALA A 150 13.16 -1.54 -19.42
CA ALA A 150 11.91 -2.21 -19.77
C ALA A 150 11.03 -1.37 -20.69
N HIS A 151 11.44 -0.16 -21.05
CA HIS A 151 10.63 0.76 -21.86
C HIS A 151 9.27 1.00 -21.22
N VAL A 152 9.26 1.26 -19.91
CA VAL A 152 8.01 1.41 -19.20
C VAL A 152 7.40 2.79 -19.47
N ALA A 153 8.25 3.81 -19.58
CA ALA A 153 7.73 5.17 -19.76
C ALA A 153 6.92 5.28 -21.04
N GLU A 154 7.28 4.51 -22.07
CA GLU A 154 6.49 4.51 -23.30
C GLU A 154 5.12 3.91 -23.08
N GLN A 155 5.05 2.78 -22.37
CA GLN A 155 3.76 2.16 -22.06
C GLN A 155 2.91 3.08 -21.18
N GLN A 156 3.54 3.72 -20.20
CA GLN A 156 2.81 4.65 -19.34
C GLN A 156 2.32 5.85 -20.12
N ARG A 157 3.13 6.35 -21.06
CA ARG A 157 2.67 7.47 -21.88
C ARG A 157 1.48 7.06 -22.74
N ALA A 158 1.53 5.86 -23.32
CA ALA A 158 0.38 5.36 -24.07
C ALA A 158 -0.86 5.29 -23.19
N TYR A 159 -0.69 4.86 -21.93
CA TYR A 159 -1.85 4.66 -21.05
C TYR A 159 -2.39 6.00 -20.54
N LEU A 160 -1.50 6.92 -20.19
CA LEU A 160 -1.90 8.24 -19.68
C LEU A 160 -2.67 9.04 -20.73
N GLU A 161 -2.28 8.92 -22.00
CA GLU A 161 -2.94 9.66 -23.08
C GLU A 161 -4.09 8.88 -23.69
N GLY A 162 -4.16 7.58 -23.41
CA GLY A 162 -5.11 6.69 -24.02
C GLY A 162 -6.23 6.35 -23.04
N THR A 163 -6.14 5.20 -22.36
CA THR A 163 -7.25 4.75 -21.53
C THR A 163 -7.55 5.72 -20.39
N CYS A 164 -6.54 6.43 -19.90
CA CYS A 164 -6.73 7.28 -18.73
C CYS A 164 -7.67 8.45 -19.04
N VAL A 165 -7.38 9.23 -20.08
CA VAL A 165 -8.19 10.40 -20.38
C VAL A 165 -9.52 10.01 -21.02
N ASP A 166 -9.55 8.92 -21.78
CA ASP A 166 -10.84 8.44 -22.29
C ASP A 166 -11.74 8.04 -21.14
N GLY A 167 -11.21 7.31 -20.15
CA GLY A 167 -11.98 6.96 -18.98
C GLY A 167 -12.38 8.17 -18.16
N LEU A 168 -11.51 9.18 -18.08
CA LEU A 168 -11.86 10.40 -17.36
C LEU A 168 -13.02 11.13 -18.02
N ARG A 169 -13.01 11.22 -19.36
CA ARG A 169 -14.14 11.82 -20.06
C ARG A 169 -15.41 11.02 -19.83
N ARG A 170 -15.31 9.68 -19.87
CA ARG A 170 -16.49 8.86 -19.63
C ARG A 170 -17.01 9.05 -18.21
N TYR A 171 -16.11 9.22 -17.23
CA TYR A 171 -16.53 9.43 -15.85
C TYR A 171 -17.23 10.77 -15.71
N LEU A 172 -16.67 11.81 -16.32
CA LEU A 172 -17.30 13.13 -16.26
C LEU A 172 -18.65 13.13 -16.96
N GLU A 173 -18.83 12.29 -17.97
CA GLU A 173 -20.13 12.22 -18.64
C GLU A 173 -21.15 11.44 -17.82
N ASN A 174 -20.75 10.31 -17.23
CA ASN A 174 -21.67 9.45 -16.51
C ASN A 174 -22.22 10.10 -15.24
N GLY A 175 -21.51 11.08 -14.68
CA GLY A 175 -22.03 11.84 -13.56
C GLY A 175 -21.97 13.33 -13.81
N LYS A 176 -22.46 13.76 -14.98
CA LYS A 176 -22.43 15.17 -15.32
C LYS A 176 -23.15 16.01 -14.28
N GLU A 177 -24.30 15.55 -13.81
CA GLU A 177 -25.07 16.25 -12.79
C GLU A 177 -24.50 16.09 -11.39
N THR A 178 -23.34 15.45 -11.26
CA THR A 178 -22.68 15.26 -9.97
C THR A 178 -21.30 15.90 -9.93
N LEU A 179 -20.49 15.68 -10.96
CA LEU A 179 -19.11 16.15 -10.98
C LEU A 179 -18.96 17.51 -11.64
N GLN A 180 -19.84 17.86 -12.58
CA GLN A 180 -19.84 19.16 -13.24
C GLN A 180 -20.94 20.07 -12.70
N ARG A 181 -21.40 19.83 -11.48
CA ARG A 181 -22.35 20.69 -10.80
C ARG A 181 -21.65 21.32 -9.61
N THR A 182 -21.38 22.62 -9.69
CA THR A 182 -20.74 23.33 -8.59
C THR A 182 -21.80 23.76 -7.58
N ASP A 183 -21.41 23.75 -6.30
CA ASP A 183 -22.24 24.19 -5.20
C ASP A 183 -21.65 25.45 -4.57
N PRO A 184 -22.44 26.50 -4.40
CA PRO A 184 -21.88 27.74 -3.84
C PRO A 184 -21.63 27.58 -2.35
N PRO A 185 -20.64 28.30 -1.81
CA PRO A 185 -20.41 28.26 -0.36
C PRO A 185 -21.43 29.13 0.37
N LYS A 186 -22.02 28.59 1.42
CA LYS A 186 -22.88 29.36 2.32
C LYS A 186 -22.00 30.00 3.39
N THR A 187 -22.10 31.31 3.53
CA THR A 187 -21.15 32.08 4.34
C THR A 187 -21.86 32.76 5.50
N HIS A 188 -21.17 32.81 6.64
CA HIS A 188 -21.57 33.63 7.77
C HIS A 188 -20.30 34.04 8.51
N MET A 189 -20.48 34.75 9.62
CA MET A 189 -19.35 35.27 10.38
C MET A 189 -19.63 35.16 11.87
N THR A 190 -18.58 34.88 12.64
CA THR A 190 -18.63 34.79 14.09
C THR A 190 -17.63 35.75 14.71
N HIS A 191 -17.97 36.23 15.91
CA HIS A 191 -17.21 37.24 16.63
C HIS A 191 -16.98 36.76 18.05
N HIS A 192 -15.71 36.62 18.45
CA HIS A 192 -15.42 36.16 19.80
C HIS A 192 -14.41 37.10 20.44
N PRO A 193 -14.67 37.65 21.61
CA PRO A 193 -13.70 38.55 22.24
C PRO A 193 -12.43 37.82 22.68
N ILE A 194 -11.30 38.13 22.03
CA ILE A 194 -10.03 37.55 22.46
C ILE A 194 -9.60 38.14 23.79
N SER A 195 -9.76 39.44 23.97
CA SER A 195 -9.52 40.11 25.24
C SER A 195 -10.31 41.42 25.24
N ASP A 196 -9.95 42.34 26.13
CA ASP A 196 -10.61 43.63 26.17
C ASP A 196 -10.18 44.55 25.03
N HIS A 197 -8.94 44.42 24.55
CA HIS A 197 -8.42 45.29 23.51
C HIS A 197 -8.52 44.71 22.12
N GLU A 198 -8.73 43.40 21.99
CA GLU A 198 -8.82 42.75 20.69
C GLU A 198 -9.88 41.65 20.74
N ALA A 199 -10.39 41.33 19.56
CA ALA A 199 -11.34 40.24 19.36
C ALA A 199 -10.88 39.42 18.16
N THR A 200 -11.60 38.34 17.86
CA THR A 200 -11.33 37.50 16.71
C THR A 200 -12.57 37.43 15.84
N LEU A 201 -12.38 37.65 14.53
CA LEU A 201 -13.42 37.52 13.53
C LEU A 201 -13.16 36.27 12.70
N ARG A 202 -14.20 35.46 12.52
CA ARG A 202 -14.08 34.20 11.78
C ARG A 202 -15.13 34.18 10.69
N CYS A 203 -14.69 34.12 9.44
CA CYS A 203 -15.58 34.00 8.30
C CYS A 203 -15.63 32.54 7.87
N TRP A 204 -16.84 31.99 7.80
CA TRP A 204 -17.08 30.59 7.48
C TRP A 204 -17.53 30.44 6.03
N ALA A 205 -17.35 29.24 5.50
CA ALA A 205 -17.87 28.87 4.19
C ALA A 205 -18.19 27.38 4.25
N LEU A 206 -19.46 27.05 4.13
CA LEU A 206 -19.94 25.68 4.33
C LEU A 206 -20.64 25.18 3.08
N GLY A 207 -20.54 23.87 2.86
CA GLY A 207 -21.33 23.23 1.82
C GLY A 207 -20.97 23.65 0.41
N PHE A 208 -19.68 23.68 0.07
CA PHE A 208 -19.25 24.07 -1.26
C PHE A 208 -18.54 22.91 -1.95
N TYR A 209 -18.70 22.86 -3.27
CA TYR A 209 -18.06 21.85 -4.12
C TYR A 209 -17.76 22.49 -5.46
N PRO A 210 -16.56 22.29 -6.02
CA PRO A 210 -15.44 21.48 -5.51
C PRO A 210 -14.76 22.12 -4.30
N ALA A 211 -13.75 21.45 -3.73
CA ALA A 211 -13.09 21.92 -2.52
C ALA A 211 -12.22 23.16 -2.75
N GLU A 212 -12.13 23.66 -3.98
CA GLU A 212 -11.36 24.86 -4.27
C GLU A 212 -12.14 26.10 -3.86
N ILE A 213 -11.51 26.95 -3.04
CA ILE A 213 -12.19 28.14 -2.52
C ILE A 213 -11.11 29.08 -1.99
N THR A 214 -11.40 30.38 -2.00
CA THR A 214 -10.47 31.37 -1.47
C THR A 214 -11.18 32.26 -0.47
N LEU A 215 -10.65 32.29 0.76
CA LEU A 215 -11.06 33.19 1.82
C LEU A 215 -9.93 34.16 2.12
N THR A 216 -10.17 35.46 1.93
CA THR A 216 -9.14 36.46 2.18
C THR A 216 -9.70 37.57 3.06
N TRP A 217 -8.96 37.92 4.11
CA TRP A 217 -9.30 39.07 4.95
C TRP A 217 -8.56 40.31 4.47
N GLN A 218 -9.28 41.44 4.46
CA GLN A 218 -8.75 42.71 3.96
C GLN A 218 -9.12 43.82 4.94
N ARG A 219 -8.10 44.55 5.40
CA ARG A 219 -8.28 45.68 6.30
C ARG A 219 -8.12 46.96 5.49
N ASP A 220 -9.22 47.72 5.34
CA ASP A 220 -9.26 48.95 4.57
C ASP A 220 -8.87 48.75 3.11
N GLY A 221 -8.89 47.50 2.64
CA GLY A 221 -8.54 47.20 1.27
C GLY A 221 -7.38 46.25 1.12
N GLU A 222 -6.26 46.52 1.77
CA GLU A 222 -5.08 45.69 1.66
C GLU A 222 -5.28 44.35 2.37
N ASP A 223 -4.55 43.34 1.91
CA ASP A 223 -4.71 41.98 2.42
C ASP A 223 -3.99 41.80 3.75
N GLN A 224 -4.46 40.83 4.52
CA GLN A 224 -3.76 40.37 5.73
C GLN A 224 -3.34 38.91 5.54
N THR A 225 -2.53 38.65 4.51
CA THR A 225 -2.14 37.28 4.21
C THR A 225 -1.36 36.63 5.35
N GLN A 226 -0.66 37.44 6.14
CA GLN A 226 0.13 36.92 7.25
C GLN A 226 -0.54 37.12 8.60
N ASP A 227 -1.47 38.07 8.73
CA ASP A 227 -2.23 38.26 9.96
C ASP A 227 -3.42 37.32 10.08
N THR A 228 -3.71 36.54 9.05
CA THR A 228 -4.86 35.64 9.06
C THR A 228 -4.44 34.23 9.44
N GLU A 229 -5.39 33.48 9.98
CA GLU A 229 -5.23 32.09 10.34
C GLU A 229 -6.17 31.27 9.46
N LEU A 230 -5.59 30.34 8.69
CA LEU A 230 -6.33 29.47 7.79
C LEU A 230 -6.26 28.03 8.29
N VAL A 231 -7.38 27.32 8.17
CA VAL A 231 -7.42 25.90 8.43
C VAL A 231 -7.59 25.17 7.10
N GLU A 232 -7.25 23.89 7.11
CA GLU A 232 -7.38 23.09 5.89
C GLU A 232 -8.84 22.88 5.54
N THR A 233 -9.15 23.00 4.24
CA THR A 233 -10.49 22.72 3.75
C THR A 233 -10.90 21.31 4.15
N ARG A 234 -11.92 21.23 4.99
CA ARG A 234 -12.32 19.95 5.55
C ARG A 234 -13.62 19.47 4.93
N PRO A 235 -13.81 18.16 4.80
CA PRO A 235 -15.06 17.64 4.24
C PRO A 235 -16.18 17.65 5.27
N ALA A 236 -17.40 17.84 4.77
CA ALA A 236 -18.57 17.77 5.64
C ALA A 236 -19.02 16.32 5.84
N GLY A 237 -18.70 15.46 4.87
CA GLY A 237 -19.12 14.07 4.90
C GLY A 237 -20.19 13.72 3.88
N ASP A 238 -20.60 14.67 3.04
CA ASP A 238 -21.67 14.46 2.08
C ASP A 238 -21.30 14.99 0.70
N GLY A 239 -20.00 15.08 0.42
CA GLY A 239 -19.51 15.59 -0.84
C GLY A 239 -19.28 17.09 -0.87
N THR A 240 -19.74 17.81 0.16
CA THR A 240 -19.47 19.23 0.29
C THR A 240 -18.26 19.45 1.19
N PHE A 241 -17.76 20.68 1.20
CA PHE A 241 -16.56 21.04 1.95
C PHE A 241 -16.82 22.27 2.80
N GLN A 242 -15.94 22.45 3.78
CA GLN A 242 -16.03 23.57 4.71
C GLN A 242 -14.65 24.21 4.84
N LYS A 243 -14.65 25.49 5.18
CA LYS A 243 -13.40 26.20 5.45
C LYS A 243 -13.74 27.47 6.21
N TRP A 244 -12.79 27.95 7.00
CA TRP A 244 -12.98 29.25 7.64
C TRP A 244 -11.63 29.93 7.80
N ALA A 245 -11.69 31.25 7.83
CA ALA A 245 -10.50 32.08 8.04
C ALA A 245 -10.77 33.03 9.19
N ALA A 246 -9.78 33.19 10.07
CA ALA A 246 -9.95 34.00 11.28
C ALA A 246 -8.83 35.01 11.39
N VAL A 247 -9.17 36.26 11.66
CA VAL A 247 -8.17 37.29 11.90
C VAL A 247 -8.49 38.01 13.20
N VAL A 248 -7.43 38.40 13.93
CA VAL A 248 -7.57 39.11 15.18
C VAL A 248 -7.60 40.61 14.90
N VAL A 249 -8.62 41.29 15.43
CA VAL A 249 -8.87 42.70 15.12
C VAL A 249 -8.86 43.49 16.42
N PRO A 250 -8.37 44.72 16.42
CA PRO A 250 -8.42 45.53 17.64
C PRO A 250 -9.86 45.93 17.96
N SER A 251 -10.18 45.94 19.25
CA SER A 251 -11.52 46.29 19.70
C SER A 251 -11.92 47.67 19.20
N GLY A 252 -12.85 47.71 18.25
CA GLY A 252 -13.32 48.96 17.65
C GLY A 252 -13.08 49.07 16.16
N GLU A 253 -12.14 48.30 15.62
CA GLU A 253 -11.81 48.33 14.21
C GLU A 253 -12.48 47.21 13.42
N GLU A 254 -13.51 46.59 13.98
CA GLU A 254 -14.21 45.51 13.29
C GLU A 254 -14.78 45.99 11.95
N GLN A 255 -15.10 47.28 11.84
CA GLN A 255 -15.62 47.82 10.59
C GLN A 255 -14.53 48.02 9.54
N ARG A 256 -13.26 48.01 9.94
CA ARG A 256 -12.16 48.21 8.99
C ARG A 256 -11.77 46.94 8.26
N TYR A 257 -12.14 45.77 8.80
CA TYR A 257 -11.84 44.49 8.19
C TYR A 257 -13.05 43.95 7.46
N THR A 258 -12.79 43.10 6.46
CA THR A 258 -13.84 42.47 5.67
C THR A 258 -13.29 41.19 5.07
N CYS A 259 -14.18 40.26 4.73
CA CYS A 259 -13.75 38.97 4.19
C CYS A 259 -14.34 38.75 2.80
N HIS A 260 -13.48 38.34 1.88
CA HIS A 260 -13.86 38.08 0.51
C HIS A 260 -13.76 36.59 0.22
N VAL A 261 -14.84 36.05 -0.35
CA VAL A 261 -14.96 34.63 -0.67
C VAL A 261 -15.07 34.52 -2.18
N GLN A 262 -14.19 33.74 -2.79
CA GLN A 262 -14.24 33.48 -4.22
C GLN A 262 -14.30 31.97 -4.47
N HIS A 263 -15.23 31.56 -5.34
CA HIS A 263 -15.56 30.16 -5.58
C HIS A 263 -16.18 30.03 -6.96
N GLU A 264 -16.06 28.85 -7.55
CA GLU A 264 -16.57 28.62 -8.90
C GLU A 264 -18.10 28.73 -8.93
N GLY A 265 -18.77 28.19 -7.93
CA GLY A 265 -20.23 28.24 -7.91
C GLY A 265 -20.80 29.62 -7.68
N LEU A 266 -20.00 30.53 -7.16
CA LEU A 266 -20.46 31.91 -6.98
C LEU A 266 -20.36 32.65 -8.31
N PRO A 267 -21.45 33.22 -8.82
CA PRO A 267 -21.34 34.01 -10.06
C PRO A 267 -20.47 35.23 -9.89
N LYS A 268 -20.39 35.80 -8.69
CA LYS A 268 -19.58 36.96 -8.39
C LYS A 268 -19.06 36.84 -6.96
N PRO A 269 -17.80 37.16 -6.72
CA PRO A 269 -17.23 37.00 -5.37
C PRO A 269 -18.03 37.75 -4.32
N LEU A 270 -18.04 37.20 -3.11
CA LEU A 270 -18.86 37.74 -2.02
C LEU A 270 -18.00 38.54 -1.04
N THR A 271 -18.53 39.69 -0.64
CA THR A 271 -17.92 40.57 0.35
C THR A 271 -18.75 40.52 1.62
N LEU A 272 -18.13 40.17 2.74
CA LEU A 272 -18.81 40.03 4.02
C LEU A 272 -18.21 40.99 5.03
N ARG A 273 -19.07 41.78 5.66
CA ARG A 273 -18.70 42.70 6.73
C ARG A 273 -19.47 42.35 7.99
N TRP A 274 -18.78 42.35 9.13
CA TRP A 274 -19.38 41.96 10.40
C TRP A 274 -20.04 43.17 11.05
N GLU A 275 -21.34 43.05 11.31
CA GLU A 275 -22.10 44.06 12.03
C GLU A 275 -22.71 43.44 13.28
N PRO A 276 -22.81 44.20 14.38
CA PRO A 276 -23.38 43.71 15.64
C PRO A 276 -24.81 43.19 15.50
N MET B 1 13.61 9.02 9.82
CA MET B 1 12.38 8.77 9.08
C MET B 1 11.40 9.93 9.28
N ILE B 2 10.67 10.27 8.23
CA ILE B 2 9.67 11.33 8.30
C ILE B 2 8.49 10.84 9.13
N GLN B 3 8.24 11.49 10.26
CA GLN B 3 7.12 11.15 11.14
C GLN B 3 6.36 12.44 11.47
N ARG B 4 5.22 12.64 10.82
CA ARG B 4 4.42 13.85 11.00
C ARG B 4 3.29 13.60 11.98
N THR B 5 2.96 14.64 12.74
CA THR B 5 1.89 14.59 13.74
C THR B 5 0.56 14.94 13.11
N PRO B 6 -0.51 14.18 13.37
CA PRO B 6 -1.80 14.48 12.72
C PRO B 6 -2.38 15.80 13.21
N LYS B 7 -2.85 16.60 12.26
CA LYS B 7 -3.66 17.77 12.55
C LYS B 7 -5.12 17.35 12.66
N ILE B 8 -5.76 17.75 13.75
CA ILE B 8 -7.10 17.29 14.11
C ILE B 8 -8.08 18.45 13.98
N GLN B 9 -9.27 18.15 13.45
CA GLN B 9 -10.35 19.13 13.40
C GLN B 9 -11.65 18.42 13.75
N VAL B 10 -12.26 18.80 14.86
CA VAL B 10 -13.56 18.27 15.27
C VAL B 10 -14.61 19.32 14.94
N TYR B 11 -15.69 18.89 14.29
CA TYR B 11 -16.72 19.82 13.83
C TYR B 11 -17.98 19.04 13.50
N SER B 12 -19.00 19.76 13.05
CA SER B 12 -20.27 19.17 12.65
C SER B 12 -20.43 19.27 11.14
N ARG B 13 -21.18 18.33 10.57
CA ARG B 13 -21.46 18.35 9.14
C ARG B 13 -22.22 19.61 8.76
N HIS B 14 -23.42 19.77 9.29
CA HIS B 14 -24.24 20.95 9.05
C HIS B 14 -24.05 21.95 10.19
N PRO B 15 -24.55 23.18 10.03
CA PRO B 15 -24.58 24.09 11.18
C PRO B 15 -25.32 23.46 12.36
N ALA B 16 -24.74 23.62 13.55
CA ALA B 16 -25.22 22.92 14.74
C ALA B 16 -26.51 23.53 15.24
N GLU B 17 -27.57 22.73 15.28
CA GLU B 17 -28.86 23.12 15.84
C GLU B 17 -29.21 22.15 16.95
N ASN B 18 -29.33 22.67 18.17
CA ASN B 18 -29.52 21.84 19.35
C ASN B 18 -30.78 21.00 19.24
N GLY B 19 -30.64 19.68 19.37
CA GLY B 19 -31.75 18.77 19.27
C GLY B 19 -32.05 18.26 17.88
N LYS B 20 -31.31 18.71 16.88
CA LYS B 20 -31.51 18.30 15.49
C LYS B 20 -30.42 17.32 15.09
N SER B 21 -30.83 16.17 14.55
CA SER B 21 -29.87 15.12 14.18
C SER B 21 -28.87 15.64 13.17
N ASN B 22 -27.61 15.23 13.33
CA ASN B 22 -26.50 15.76 12.56
C ASN B 22 -25.38 14.73 12.59
N PHE B 23 -24.22 15.11 12.07
CA PHE B 23 -23.03 14.26 12.05
C PHE B 23 -21.86 15.00 12.70
N LEU B 24 -21.12 14.28 13.54
CA LEU B 24 -19.88 14.76 14.11
C LEU B 24 -18.71 14.18 13.34
N ASN B 25 -17.79 15.05 12.93
CA ASN B 25 -16.62 14.67 12.15
C ASN B 25 -15.35 15.02 12.90
N CYS B 26 -14.40 14.10 12.85
CA CYS B 26 -13.02 14.34 13.26
C CYS B 26 -12.17 14.10 12.01
N TYR B 27 -11.65 15.18 11.45
CA TYR B 27 -10.81 15.14 10.26
C TYR B 27 -9.36 15.21 10.73
N VAL B 28 -8.64 14.11 10.57
CA VAL B 28 -7.22 14.04 10.89
C VAL B 28 -6.46 14.03 9.57
N SER B 29 -5.41 14.84 9.48
CA SER B 29 -4.72 14.99 8.20
C SER B 29 -3.25 15.33 8.44
N GLY B 30 -2.45 15.16 7.38
CA GLY B 30 -1.07 15.55 7.43
C GLY B 30 -0.16 14.61 8.18
N PHE B 31 -0.64 13.43 8.56
CA PHE B 31 0.14 12.53 9.37
C PHE B 31 0.89 11.51 8.53
N HIS B 32 1.90 10.90 9.14
CA HIS B 32 2.69 9.81 8.60
C HIS B 32 3.47 9.16 9.74
N PRO B 33 3.52 7.82 9.82
CA PRO B 33 2.92 6.83 8.93
C PRO B 33 1.40 6.75 9.07
N SER B 34 0.76 5.88 8.28
CA SER B 34 -0.69 5.82 8.23
C SER B 34 -1.32 5.16 9.45
N ASP B 35 -0.51 4.57 10.34
CA ASP B 35 -1.04 3.89 11.52
C ASP B 35 -1.49 4.94 12.52
N ILE B 36 -2.81 5.12 12.65
CA ILE B 36 -3.38 6.15 13.51
C ILE B 36 -4.63 5.58 14.18
N GLU B 37 -4.92 6.08 15.38
CA GLU B 37 -6.02 5.61 16.20
C GLU B 37 -6.94 6.78 16.49
N VAL B 38 -8.16 6.75 15.97
CA VAL B 38 -9.10 7.85 16.13
C VAL B 38 -10.42 7.33 16.66
N ASP B 39 -10.91 7.93 17.73
CA ASP B 39 -12.21 7.60 18.29
C ASP B 39 -12.97 8.88 18.61
N LEU B 40 -14.29 8.80 18.60
CA LEU B 40 -15.14 9.93 18.93
C LEU B 40 -15.71 9.74 20.34
N LEU B 41 -15.61 10.77 21.16
CA LEU B 41 -15.96 10.69 22.57
C LEU B 41 -17.22 11.51 22.84
N LYS B 42 -18.09 10.95 23.67
CA LYS B 42 -19.29 11.63 24.17
C LYS B 42 -19.22 11.62 25.69
N ASN B 43 -19.01 12.79 26.29
CA ASN B 43 -18.81 12.92 27.73
C ASN B 43 -17.60 12.13 28.21
N GLY B 44 -16.62 11.94 27.33
CA GLY B 44 -15.43 11.16 27.64
C GLY B 44 -15.49 9.71 27.26
N GLU B 45 -16.68 9.19 26.95
CA GLU B 45 -16.88 7.79 26.64
C GLU B 45 -16.91 7.58 25.13
N ARG B 46 -16.33 6.45 24.69
CA ARG B 46 -16.21 6.17 23.27
C ARG B 46 -17.58 5.93 22.64
N ILE B 47 -17.72 6.34 21.38
CA ILE B 47 -18.97 6.20 20.63
C ILE B 47 -18.84 5.03 19.67
N GLU B 48 -19.87 4.21 19.60
CA GLU B 48 -19.90 3.10 18.65
C GLU B 48 -20.40 3.58 17.30
N LYS B 49 -20.33 2.70 16.31
CA LYS B 49 -20.77 2.98 14.94
C LYS B 49 -20.07 4.22 14.37
N VAL B 50 -18.77 4.32 14.62
CA VAL B 50 -17.96 5.40 14.08
C VAL B 50 -17.36 4.91 12.76
N GLU B 51 -17.87 5.43 11.64
CA GLU B 51 -17.35 5.07 10.35
C GLU B 51 -16.09 5.86 10.04
N HIS B 52 -15.26 5.30 9.16
CA HIS B 52 -14.06 5.98 8.71
C HIS B 52 -13.96 5.88 7.19
N SER B 53 -13.47 6.95 6.56
CA SER B 53 -13.26 6.93 5.13
C SER B 53 -12.10 5.99 4.77
N ASP B 54 -11.80 5.91 3.48
CA ASP B 54 -10.73 5.05 3.01
C ASP B 54 -9.42 5.80 3.02
N LEU B 55 -8.35 5.12 3.40
CA LEU B 55 -7.05 5.75 3.55
C LEU B 55 -6.61 6.37 2.23
N SER B 56 -6.31 7.67 2.25
CA SER B 56 -5.81 8.38 1.09
C SER B 56 -4.78 9.40 1.56
N PHE B 57 -4.14 10.07 0.62
CA PHE B 57 -3.10 11.04 0.97
C PHE B 57 -3.14 12.20 -0.02
N SER B 58 -2.25 13.16 0.19
CA SER B 58 -2.16 14.37 -0.62
C SER B 58 -0.85 14.38 -1.38
N LYS B 59 -0.57 15.51 -2.05
CA LYS B 59 0.59 15.61 -2.92
C LYS B 59 1.90 15.66 -2.16
N ASP B 60 1.88 15.85 -0.84
CA ASP B 60 3.07 15.75 -0.02
C ASP B 60 3.20 14.39 0.65
N TRP B 61 2.40 13.41 0.23
CA TRP B 61 2.40 12.03 0.68
C TRP B 61 1.91 11.85 2.10
N SER B 62 1.47 12.92 2.77
CA SER B 62 0.90 12.80 4.10
C SER B 62 -0.55 12.34 4.01
N PHE B 63 -0.93 11.40 4.87
CA PHE B 63 -2.23 10.77 4.80
C PHE B 63 -3.32 11.65 5.42
N TYR B 64 -4.57 11.34 5.09
CA TYR B 64 -5.70 12.02 5.69
C TYR B 64 -6.88 11.06 5.81
N LEU B 65 -7.57 11.13 6.95
CA LEU B 65 -8.75 10.35 7.22
C LEU B 65 -9.83 11.23 7.82
N LEU B 66 -11.08 10.83 7.60
CA LEU B 66 -12.25 11.43 8.22
C LEU B 66 -13.00 10.36 9.00
N TYR B 67 -13.28 10.63 10.27
CA TYR B 67 -14.11 9.76 11.10
C TYR B 67 -15.39 10.50 11.43
N TYR B 68 -16.53 9.89 11.11
CA TYR B 68 -17.82 10.57 11.27
C TYR B 68 -18.83 9.65 11.94
N THR B 69 -19.78 10.26 12.63
CA THR B 69 -20.84 9.49 13.28
C THR B 69 -22.11 10.34 13.37
N GLU B 70 -23.25 9.67 13.41
CA GLU B 70 -24.52 10.34 13.61
C GLU B 70 -24.72 10.65 15.09
N PHE B 71 -25.31 11.79 15.38
CA PHE B 71 -25.62 12.16 16.76
C PHE B 71 -26.71 13.22 16.75
N THR B 72 -27.15 13.59 17.94
CA THR B 72 -28.09 14.70 18.12
C THR B 72 -27.48 15.66 19.14
N PRO B 73 -27.03 16.83 18.72
CA PRO B 73 -26.36 17.75 19.66
C PRO B 73 -27.28 18.15 20.81
N THR B 74 -26.76 18.00 22.03
CA THR B 74 -27.42 18.45 23.23
C THR B 74 -26.49 19.39 23.98
N GLU B 75 -27.09 20.39 24.65
CA GLU B 75 -26.30 21.39 25.35
C GLU B 75 -25.56 20.79 26.54
N LYS B 76 -26.08 19.73 27.14
CA LYS B 76 -25.40 19.07 28.25
C LYS B 76 -24.46 17.97 27.79
N ASP B 77 -24.62 17.46 26.56
CA ASP B 77 -23.78 16.40 26.02
C ASP B 77 -22.66 17.04 25.21
N GLU B 78 -21.45 17.04 25.77
CA GLU B 78 -20.27 17.60 25.12
C GLU B 78 -19.51 16.50 24.39
N TYR B 79 -19.23 16.72 23.11
CA TYR B 79 -18.57 15.75 22.26
C TYR B 79 -17.12 16.18 21.99
N ALA B 80 -16.30 15.21 21.60
CA ALA B 80 -14.87 15.45 21.41
C ALA B 80 -14.30 14.33 20.54
N CYS B 81 -12.99 14.42 20.30
CA CYS B 81 -12.29 13.42 19.48
C CYS B 81 -10.94 13.11 20.10
N ARG B 82 -10.61 11.82 20.16
CA ARG B 82 -9.34 11.34 20.70
C ARG B 82 -8.51 10.73 19.58
N VAL B 83 -7.27 11.20 19.43
CA VAL B 83 -6.38 10.77 18.35
C VAL B 83 -5.03 10.39 18.94
N ASN B 84 -4.63 9.14 18.72
CA ASN B 84 -3.34 8.62 19.14
C ASN B 84 -2.52 8.24 17.91
N HIS B 85 -1.24 8.55 17.93
CA HIS B 85 -0.37 8.34 16.79
C HIS B 85 1.01 7.95 17.30
N VAL B 86 1.86 7.48 16.38
CA VAL B 86 3.23 7.16 16.74
C VAL B 86 4.01 8.41 17.16
N THR B 87 3.59 9.58 16.67
CA THR B 87 4.20 10.84 17.07
C THR B 87 3.58 11.45 18.30
N LEU B 88 2.62 10.77 18.93
CA LEU B 88 1.92 11.27 20.10
C LEU B 88 2.10 10.29 21.25
N SER B 89 2.88 10.69 22.26
CA SER B 89 2.99 9.91 23.48
C SER B 89 1.72 9.98 24.33
N GLN B 90 0.79 10.86 23.98
CA GLN B 90 -0.45 11.03 24.71
C GLN B 90 -1.60 11.30 23.74
N PRO B 91 -2.62 10.43 23.72
CA PRO B 91 -3.82 10.70 22.90
C PRO B 91 -4.33 12.13 23.01
N LYS B 92 -4.25 12.86 21.91
CA LYS B 92 -4.75 14.24 21.88
C LYS B 92 -6.27 14.25 21.89
N ILE B 93 -6.84 14.98 22.84
CA ILE B 93 -8.27 15.23 22.92
C ILE B 93 -8.53 16.61 22.33
N VAL B 94 -9.39 16.67 21.32
CA VAL B 94 -9.85 17.95 20.77
C VAL B 94 -11.35 17.99 20.97
N LYS B 95 -11.81 18.95 21.77
CA LYS B 95 -13.23 19.08 22.08
C LYS B 95 -13.93 19.81 20.95
N TRP B 96 -15.17 19.41 20.68
CA TRP B 96 -15.96 20.00 19.61
C TRP B 96 -16.56 21.31 20.10
N ASP B 97 -16.09 22.42 19.52
CA ASP B 97 -16.53 23.76 19.91
C ASP B 97 -17.69 24.19 19.02
N ARG B 98 -18.91 24.20 19.57
CA ARG B 98 -20.07 24.62 18.80
C ARG B 98 -20.05 26.12 18.53
N ASP B 99 -19.67 26.92 19.53
CA ASP B 99 -19.66 28.36 19.40
C ASP B 99 -18.59 28.87 18.44
N MET B 100 -17.65 28.02 18.01
CA MET B 100 -16.57 28.44 17.14
C MET B 100 -17.09 29.04 15.84
N ARG C 1 -9.75 4.37 -14.87
CA ARG C 1 -9.12 3.11 -15.22
C ARG C 1 -7.77 2.95 -14.51
N TYR C 2 -7.56 1.79 -13.90
CA TYR C 2 -6.38 1.59 -13.08
C TYR C 2 -5.14 1.42 -13.95
N PRO C 3 -4.00 1.98 -13.54
CA PRO C 3 -2.79 1.89 -14.37
C PRO C 3 -2.16 0.51 -14.39
N LEU C 4 -1.03 0.41 -15.10
CA LEU C 4 -0.23 -0.80 -15.14
C LEU C 4 1.04 -0.55 -14.35
N THR C 5 1.24 -1.31 -13.28
CA THR C 5 2.35 -1.07 -12.37
C THR C 5 3.46 -2.09 -12.60
N PHE C 6 4.69 -1.69 -12.26
CA PHE C 6 5.87 -2.48 -12.56
C PHE C 6 6.73 -2.63 -11.31
N GLY C 7 7.53 -3.69 -11.30
CA GLY C 7 8.38 -3.97 -10.16
C GLY C 7 9.56 -3.02 -10.07
N TRP C 8 9.96 -2.73 -8.84
CA TRP C 8 11.08 -1.83 -8.58
C TRP C 8 12.41 -2.51 -8.89
N LYS D 7 -9.78 -10.11 16.51
CA LYS D 7 -8.95 -11.31 16.65
C LYS D 7 -7.47 -10.96 16.72
N PRO D 8 -6.70 -11.75 17.48
CA PRO D 8 -5.25 -11.53 17.53
C PRO D 8 -4.58 -11.96 16.24
N PHE D 9 -3.31 -11.58 16.10
CA PHE D 9 -2.52 -11.95 14.94
C PHE D 9 -1.36 -12.83 15.41
N LEU D 10 -1.26 -14.03 14.83
CA LEU D 10 -0.24 -14.99 15.19
C LEU D 10 0.78 -15.08 14.06
N SER D 11 2.06 -14.99 14.40
CA SER D 11 3.11 -15.07 13.39
C SER D 11 4.25 -15.93 13.91
N ALA D 12 5.07 -16.43 12.99
CA ALA D 12 6.23 -17.25 13.31
C ALA D 12 7.47 -16.60 12.73
N TRP D 13 8.42 -16.30 13.59
CA TRP D 13 9.71 -15.74 13.23
C TRP D 13 10.80 -16.78 13.46
N PRO D 14 11.69 -17.00 12.48
CA PRO D 14 11.80 -16.33 11.18
C PRO D 14 10.93 -16.98 10.10
N SER D 15 10.44 -18.20 10.32
CA SER D 15 9.59 -18.86 9.34
C SER D 15 8.85 -20.01 10.01
N ALA D 16 7.66 -20.30 9.49
CA ALA D 16 6.89 -21.46 9.92
C ALA D 16 7.42 -22.76 9.33
N VAL D 17 8.42 -22.70 8.46
CA VAL D 17 9.11 -23.88 7.96
C VAL D 17 10.53 -23.85 8.52
N VAL D 18 10.74 -24.55 9.64
CA VAL D 18 11.99 -24.49 10.40
C VAL D 18 12.61 -25.88 10.48
N PRO D 19 13.92 -26.02 10.35
CA PRO D 19 14.55 -27.33 10.56
C PRO D 19 14.56 -27.71 12.04
N GLN D 20 14.59 -29.02 12.28
CA GLN D 20 14.73 -29.52 13.64
C GLN D 20 16.01 -28.97 14.27
N GLY D 21 15.95 -28.68 15.56
CA GLY D 21 17.08 -28.07 16.23
C GLY D 21 17.34 -26.63 15.85
N GLY D 22 16.51 -26.03 14.99
CA GLY D 22 16.64 -24.63 14.64
C GLY D 22 15.99 -23.75 15.67
N HIS D 23 15.51 -22.60 15.22
CA HIS D 23 14.84 -21.65 16.09
C HIS D 23 13.56 -21.16 15.44
N VAL D 24 12.50 -21.08 16.25
CA VAL D 24 11.22 -20.56 15.78
C VAL D 24 10.51 -19.94 16.98
N THR D 25 9.70 -18.93 16.69
CA THR D 25 9.08 -18.09 17.71
C THR D 25 7.68 -17.72 17.27
N LEU D 26 6.69 -17.97 18.13
CA LEU D 26 5.32 -17.62 17.86
C LEU D 26 4.99 -16.32 18.61
N ARG D 27 4.58 -15.30 17.87
CA ARG D 27 4.21 -14.01 18.44
C ARG D 27 2.73 -13.77 18.25
N CYS D 28 2.06 -13.40 19.34
CA CYS D 28 0.61 -13.19 19.38
C CYS D 28 0.35 -11.73 19.70
N HIS D 29 -0.09 -10.98 18.69
CA HIS D 29 -0.34 -9.55 18.78
C HIS D 29 -1.83 -9.33 19.04
N TYR D 30 -2.14 -8.79 20.22
CA TYR D 30 -3.52 -8.47 20.60
C TYR D 30 -3.53 -7.22 21.45
N ARG D 31 -4.55 -6.37 21.25
CA ARG D 31 -4.71 -5.11 21.97
C ARG D 31 -3.45 -4.25 21.83
N HIS D 32 -2.94 -4.18 20.60
CA HIS D 32 -1.74 -3.41 20.26
C HIS D 32 -0.58 -3.69 21.22
N ARG D 33 -0.34 -4.98 21.46
CA ARG D 33 0.73 -5.44 22.34
C ARG D 33 0.90 -6.95 22.17
N PHE D 34 2.14 -7.41 22.39
CA PHE D 34 2.42 -8.84 22.47
C PHE D 34 2.10 -9.33 23.88
N ASN D 35 0.86 -9.06 24.28
CA ASN D 35 0.40 -9.29 25.64
C ASN D 35 0.40 -10.78 25.95
N ASN D 36 0.05 -11.10 27.19
CA ASN D 36 -0.06 -12.49 27.61
C ASN D 36 -1.07 -13.22 26.74
N PHE D 37 -0.71 -14.44 26.35
CA PHE D 37 -1.55 -15.21 25.44
C PHE D 37 -1.46 -16.70 25.79
N MET D 38 -2.48 -17.43 25.36
CA MET D 38 -2.51 -18.88 25.47
C MET D 38 -2.61 -19.49 24.08
N LEU D 39 -1.87 -20.58 23.88
CA LEU D 39 -1.78 -21.26 22.58
C LEU D 39 -2.67 -22.49 22.55
N TYR D 40 -3.04 -22.89 21.33
CA TYR D 40 -3.97 -23.98 21.11
C TYR D 40 -3.58 -24.70 19.82
N LYS D 41 -3.85 -26.00 19.78
CA LYS D 41 -3.66 -26.83 18.60
C LYS D 41 -5.01 -27.26 18.04
N GLU D 42 -4.98 -27.79 16.82
CA GLU D 42 -6.23 -28.14 16.14
C GLU D 42 -6.86 -29.40 16.73
N ASP D 43 -6.06 -30.30 17.29
CA ASP D 43 -6.62 -31.50 17.90
C ASP D 43 -7.43 -31.18 19.14
N ARG D 44 -6.99 -30.20 19.92
CA ARG D 44 -7.68 -29.72 21.12
C ARG D 44 -8.01 -28.25 20.88
N ILE D 45 -9.14 -28.00 20.22
CA ILE D 45 -9.50 -26.63 19.83
C ILE D 45 -9.70 -25.76 21.06
N HIS D 46 -10.58 -26.19 21.97
CA HIS D 46 -10.94 -25.41 23.15
C HIS D 46 -10.14 -25.82 24.39
N ILE D 47 -8.92 -26.35 24.21
CA ILE D 47 -8.08 -26.79 25.30
C ILE D 47 -6.71 -26.15 25.16
N PRO D 48 -6.28 -25.29 26.07
CA PRO D 48 -4.95 -24.69 25.95
C PRO D 48 -3.85 -25.71 26.17
N ILE D 49 -2.78 -25.59 25.39
CA ILE D 49 -1.66 -26.53 25.46
C ILE D 49 -0.74 -26.15 26.61
N PHE D 50 0.19 -27.05 26.95
CA PHE D 50 1.12 -26.85 28.07
C PHE D 50 0.38 -26.63 29.38
N HIS D 51 -0.68 -27.40 29.60
CA HIS D 51 -1.46 -27.36 30.85
C HIS D 51 -2.03 -25.97 31.11
N GLY D 52 -2.41 -25.28 30.04
CA GLY D 52 -2.95 -23.94 30.17
C GLY D 52 -1.91 -22.89 30.48
N ARG D 53 -0.72 -23.01 29.89
CA ARG D 53 0.35 -22.08 30.15
C ARG D 53 0.00 -20.68 29.64
N ILE D 54 0.21 -19.67 30.48
CA ILE D 54 0.03 -18.28 30.10
C ILE D 54 1.41 -17.72 29.78
N PHE D 55 1.67 -17.47 28.50
CA PHE D 55 2.97 -17.02 28.04
C PHE D 55 3.09 -15.51 28.23
N GLN D 56 4.00 -15.09 29.10
CA GLN D 56 4.21 -13.66 29.35
C GLN D 56 4.83 -12.99 28.13
N GLU D 57 6.00 -13.46 27.72
CA GLU D 57 6.66 -12.97 26.52
C GLU D 57 6.27 -13.87 25.34
N SER D 58 6.99 -13.75 24.24
CA SER D 58 6.73 -14.60 23.09
C SER D 58 7.37 -15.97 23.28
N PHE D 59 6.76 -16.99 22.66
CA PHE D 59 7.20 -18.38 22.83
C PHE D 59 8.28 -18.69 21.80
N ASN D 60 9.52 -18.79 22.25
CA ASN D 60 10.61 -19.30 21.42
C ASN D 60 10.66 -20.82 21.57
N MET D 61 10.44 -21.53 20.47
CA MET D 61 10.43 -22.99 20.50
C MET D 61 11.80 -23.59 20.18
N SER D 62 12.87 -22.87 20.47
CA SER D 62 14.17 -23.47 20.21
C SER D 62 14.69 -24.19 21.46
N PRO D 63 15.32 -25.37 21.30
CA PRO D 63 15.54 -26.12 20.06
C PRO D 63 14.26 -26.77 19.52
N VAL D 64 14.03 -26.71 18.22
CA VAL D 64 12.79 -27.18 17.62
C VAL D 64 12.83 -28.70 17.50
N THR D 65 11.87 -29.38 18.13
CA THR D 65 11.78 -30.83 18.10
C THR D 65 10.59 -31.25 17.24
N THR D 66 10.25 -32.54 17.32
CA THR D 66 9.15 -33.07 16.52
C THR D 66 7.80 -32.68 17.11
N ALA D 67 7.66 -32.80 18.44
CA ALA D 67 6.40 -32.45 19.08
C ALA D 67 6.04 -30.99 18.93
N HIS D 68 6.99 -30.15 18.50
CA HIS D 68 6.79 -28.73 18.36
C HIS D 68 6.10 -28.34 17.05
N ALA D 69 5.70 -29.29 16.22
CA ALA D 69 5.06 -29.00 14.95
C ALA D 69 3.54 -29.16 15.05
N GLY D 70 2.82 -28.46 14.18
CA GLY D 70 1.38 -28.60 14.13
C GLY D 70 0.69 -27.28 13.83
N ASN D 71 -0.63 -27.26 14.04
CA ASN D 71 -1.49 -26.15 13.66
C ASN D 71 -1.92 -25.41 14.91
N TYR D 72 -1.50 -24.15 15.02
CA TYR D 72 -1.61 -23.36 16.25
C TYR D 72 -2.52 -22.16 16.06
N THR D 73 -3.10 -21.73 17.17
CA THR D 73 -3.89 -20.51 17.24
C THR D 73 -3.78 -19.95 18.66
N CYS D 74 -3.67 -18.64 18.79
CA CYS D 74 -3.47 -18.01 20.09
C CYS D 74 -4.70 -17.22 20.51
N ARG D 75 -4.74 -16.88 21.80
CA ARG D 75 -5.76 -16.02 22.37
C ARG D 75 -5.10 -15.08 23.37
N GLY D 76 -5.34 -13.78 23.22
CA GLY D 76 -4.77 -12.80 24.12
C GLY D 76 -5.68 -12.45 25.27
N SER D 77 -5.09 -11.82 26.28
CA SER D 77 -5.82 -11.51 27.51
C SER D 77 -6.62 -10.23 27.33
N HIS D 78 -7.95 -10.36 27.34
CA HIS D 78 -8.85 -9.21 27.35
C HIS D 78 -9.61 -9.23 28.67
N PRO D 79 -9.05 -8.66 29.73
CA PRO D 79 -9.70 -8.76 31.05
C PRO D 79 -11.07 -8.08 31.11
N HIS D 80 -11.29 -7.02 30.36
CA HIS D 80 -12.57 -6.29 30.39
C HIS D 80 -13.47 -6.80 29.27
N SER D 81 -13.98 -8.02 29.47
CA SER D 81 -14.79 -8.70 28.48
C SER D 81 -15.54 -9.83 29.17
N PRO D 82 -16.63 -10.35 28.56
CA PRO D 82 -17.33 -11.49 29.14
C PRO D 82 -16.41 -12.66 29.45
N THR D 83 -15.75 -13.17 28.42
CA THR D 83 -14.70 -14.15 28.64
C THR D 83 -13.40 -13.44 29.03
N GLY D 84 -12.57 -14.13 29.81
CA GLY D 84 -11.32 -13.53 30.26
C GLY D 84 -10.29 -13.30 29.18
N TRP D 85 -10.50 -13.85 27.98
CA TRP D 85 -9.52 -13.77 26.91
C TRP D 85 -10.20 -13.32 25.61
N SER D 86 -9.41 -13.26 24.53
CA SER D 86 -9.88 -12.71 23.27
C SER D 86 -10.65 -13.71 22.43
N ALA D 87 -10.48 -13.63 21.11
CA ALA D 87 -11.04 -14.57 20.16
C ALA D 87 -9.92 -15.41 19.57
N ALA D 88 -10.30 -16.31 18.66
CA ALA D 88 -9.32 -17.18 18.00
C ALA D 88 -8.55 -16.39 16.95
N SER D 89 -7.22 -16.51 16.98
CA SER D 89 -6.39 -15.81 16.03
C SER D 89 -6.27 -16.60 14.73
N ASN D 90 -5.51 -16.06 13.79
CA ASN D 90 -5.31 -16.74 12.52
C ASN D 90 -4.53 -18.03 12.72
N PRO D 91 -4.85 -19.09 11.97
CA PRO D 91 -4.13 -20.35 12.14
C PRO D 91 -2.73 -20.25 11.55
N VAL D 92 -1.78 -20.88 12.24
CA VAL D 92 -0.37 -20.88 11.83
C VAL D 92 0.15 -22.31 11.93
N VAL D 93 0.67 -22.82 10.82
CA VAL D 93 1.13 -24.21 10.76
C VAL D 93 2.65 -24.23 10.82
N ILE D 94 3.18 -24.75 11.92
CA ILE D 94 4.62 -24.96 12.06
C ILE D 94 4.96 -26.33 11.49
N MET D 95 5.83 -26.35 10.48
CA MET D 95 6.30 -27.57 9.85
C MET D 95 7.80 -27.68 10.09
N VAL D 96 8.23 -28.77 10.70
CA VAL D 96 9.63 -29.01 11.04
C VAL D 96 10.25 -29.87 9.95
N THR D 97 11.44 -29.48 9.49
CA THR D 97 12.12 -30.15 8.38
C THR D 97 13.34 -30.91 8.88
N GLY D 98 13.75 -31.88 8.08
CA GLY D 98 14.93 -32.69 8.39
C GLY D 98 14.58 -34.04 8.99
N ASN D 99 13.50 -34.66 8.51
CA ASN D 99 13.07 -35.93 9.08
C ASN D 99 13.48 -37.09 8.19
N HIS D 100 12.92 -37.15 6.98
CA HIS D 100 13.21 -38.20 6.02
C HIS D 100 14.27 -37.72 5.04
N ARG D 101 14.57 -38.54 4.03
CA ARG D 101 15.59 -38.20 3.06
C ARG D 101 15.07 -37.16 2.06
N LYS D 102 15.99 -36.36 1.53
CA LYS D 102 15.62 -35.26 0.66
C LYS D 102 15.05 -35.79 -0.66
N PRO D 103 14.08 -35.09 -1.25
CA PRO D 103 13.62 -35.46 -2.59
C PRO D 103 14.37 -34.68 -3.66
N SER D 104 13.87 -34.72 -4.89
CA SER D 104 14.49 -34.07 -6.03
C SER D 104 13.52 -33.11 -6.69
N LEU D 105 14.08 -32.04 -7.27
CA LEU D 105 13.31 -30.95 -7.85
C LEU D 105 13.89 -30.62 -9.23
N LEU D 106 13.08 -30.80 -10.27
CA LEU D 106 13.48 -30.50 -11.64
C LEU D 106 12.58 -29.42 -12.22
N ALA D 107 13.13 -28.64 -13.14
CA ALA D 107 12.39 -27.58 -13.82
C ALA D 107 12.11 -28.01 -15.25
N HIS D 108 10.83 -28.03 -15.63
CA HIS D 108 10.41 -28.38 -16.97
C HIS D 108 9.72 -27.17 -17.60
N PRO D 109 10.21 -26.67 -18.73
CA PRO D 109 11.37 -27.13 -19.50
C PRO D 109 12.72 -26.69 -18.93
N GLY D 110 12.78 -25.62 -18.14
CA GLY D 110 14.04 -25.15 -17.59
C GLY D 110 13.86 -24.01 -16.59
N PRO D 111 14.91 -23.76 -15.79
CA PRO D 111 14.82 -22.69 -14.77
C PRO D 111 14.80 -21.29 -15.35
N LEU D 112 15.14 -21.13 -16.63
CA LEU D 112 15.16 -19.81 -17.29
C LEU D 112 13.80 -19.59 -17.93
N VAL D 113 12.90 -18.97 -17.16
CA VAL D 113 11.51 -18.80 -17.57
C VAL D 113 11.33 -17.43 -18.21
N LYS D 114 10.62 -17.40 -19.33
CA LYS D 114 10.28 -16.14 -19.98
C LYS D 114 9.13 -15.48 -19.24
N SER D 115 9.21 -14.15 -19.12
CA SER D 115 8.19 -13.39 -18.39
C SER D 115 6.82 -13.66 -18.97
N GLY D 116 5.85 -13.93 -18.08
CA GLY D 116 4.51 -14.25 -18.50
C GLY D 116 4.27 -15.68 -18.93
N GLU D 117 5.32 -16.49 -19.04
CA GLU D 117 5.16 -17.89 -19.40
C GLU D 117 5.08 -18.74 -18.13
N ARG D 118 4.88 -20.04 -18.31
CA ARG D 118 4.68 -20.98 -17.21
C ARG D 118 5.87 -21.91 -17.07
N VAL D 119 5.99 -22.53 -15.90
CA VAL D 119 7.05 -23.51 -15.67
C VAL D 119 6.52 -24.57 -14.70
N ILE D 120 6.90 -25.82 -14.92
CA ILE D 120 6.48 -26.91 -14.06
C ILE D 120 7.68 -27.32 -13.22
N LEU D 121 7.59 -27.08 -11.91
CA LEU D 121 8.55 -27.61 -10.96
C LEU D 121 8.07 -29.00 -10.56
N GLN D 122 8.75 -30.03 -11.02
CA GLN D 122 8.41 -31.41 -10.71
C GLN D 122 9.24 -31.86 -9.52
N CYS D 123 8.56 -32.17 -8.43
CA CYS D 123 9.18 -32.72 -7.23
C CYS D 123 8.90 -34.21 -7.19
N TRP D 124 9.95 -35.01 -7.10
CA TRP D 124 9.81 -36.47 -7.14
C TRP D 124 10.81 -37.10 -6.18
N SER D 125 10.57 -38.38 -5.89
CA SER D 125 11.52 -39.18 -5.12
C SER D 125 11.07 -40.63 -5.21
N ASP D 126 12.05 -41.54 -5.07
CA ASP D 126 11.74 -42.97 -5.02
C ASP D 126 10.87 -43.29 -3.81
N ILE D 127 11.17 -42.66 -2.66
CA ILE D 127 10.30 -42.75 -1.51
C ILE D 127 8.90 -42.29 -1.92
N MET D 128 7.90 -43.08 -1.58
CA MET D 128 6.52 -42.74 -1.92
C MET D 128 5.95 -41.74 -0.90
N PHE D 129 6.56 -40.56 -0.88
CA PHE D 129 6.02 -39.44 -0.11
C PHE D 129 4.56 -39.23 -0.48
N GLU D 130 3.70 -39.11 0.53
CA GLU D 130 2.28 -38.91 0.25
C GLU D 130 2.00 -37.44 -0.05
N HIS D 131 2.56 -36.53 0.73
CA HIS D 131 2.40 -35.10 0.52
C HIS D 131 3.71 -34.49 0.03
N PHE D 132 3.64 -33.73 -1.05
CA PHE D 132 4.75 -32.92 -1.53
C PHE D 132 4.43 -31.45 -1.30
N PHE D 133 5.42 -30.71 -0.80
CA PHE D 133 5.26 -29.30 -0.49
C PHE D 133 6.33 -28.50 -1.22
N LEU D 134 5.94 -27.38 -1.82
CA LEU D 134 6.87 -26.49 -2.50
C LEU D 134 6.91 -25.15 -1.78
N HIS D 135 8.12 -24.68 -1.48
CA HIS D 135 8.32 -23.45 -0.72
C HIS D 135 9.39 -22.59 -1.39
N LYS D 136 9.08 -21.31 -1.58
CA LYS D 136 10.05 -20.35 -2.07
C LYS D 136 10.72 -19.66 -0.89
N GLU D 137 12.04 -19.55 -0.95
CA GLU D 137 12.83 -18.96 0.13
C GLU D 137 12.44 -17.52 0.40
N SER D 140 8.31 -16.47 0.94
CA SER D 140 8.46 -16.66 2.38
C SER D 140 7.11 -16.57 3.09
N LYS D 141 6.11 -17.24 2.53
CA LYS D 141 4.78 -17.28 3.12
C LYS D 141 4.35 -18.75 3.18
N ASP D 142 3.04 -18.97 3.18
CA ASP D 142 2.50 -20.32 3.31
C ASP D 142 2.91 -21.17 2.10
N PRO D 143 3.40 -22.39 2.30
CA PRO D 143 3.88 -23.20 1.18
C PRO D 143 2.75 -23.90 0.43
N SER D 144 3.03 -24.26 -0.82
CA SER D 144 2.08 -24.96 -1.67
C SER D 144 2.17 -26.46 -1.43
N ARG D 145 1.08 -27.15 -1.72
CA ARG D 145 0.95 -28.57 -1.40
C ARG D 145 0.24 -29.31 -2.53
N LEU D 146 0.76 -30.48 -2.89
CA LEU D 146 0.11 -31.38 -3.82
C LEU D 146 0.37 -32.82 -3.38
N VAL D 147 -0.60 -33.69 -3.62
CA VAL D 147 -0.46 -35.09 -3.23
C VAL D 147 0.44 -35.79 -4.24
N GLY D 148 1.25 -36.73 -3.74
CA GLY D 148 2.13 -37.46 -4.61
C GLY D 148 1.38 -38.50 -5.42
N GLN D 149 1.75 -38.62 -6.69
CA GLN D 149 1.20 -39.62 -7.57
C GLN D 149 2.27 -40.67 -7.84
N ILE D 150 1.94 -41.93 -7.57
CA ILE D 150 2.88 -43.03 -7.71
C ILE D 150 2.86 -43.53 -9.15
N HIS D 151 4.05 -43.64 -9.76
CA HIS D 151 4.18 -44.16 -11.11
C HIS D 151 5.60 -44.66 -11.28
N ASP D 152 5.75 -45.78 -12.00
CA ASP D 152 7.04 -46.39 -12.32
C ASP D 152 7.91 -46.62 -11.08
N GLY D 153 7.31 -46.78 -9.92
CA GLY D 153 8.08 -47.01 -8.71
C GLY D 153 8.58 -45.77 -8.01
N VAL D 154 8.00 -44.61 -8.26
CA VAL D 154 8.41 -43.39 -7.57
C VAL D 154 7.21 -42.45 -7.52
N SER D 155 7.17 -41.61 -6.49
CA SER D 155 6.11 -40.62 -6.33
C SER D 155 6.56 -39.28 -6.90
N LYS D 156 5.69 -38.66 -7.68
CA LYS D 156 6.01 -37.40 -8.35
C LYS D 156 4.87 -36.41 -8.15
N ALA D 157 5.18 -35.14 -8.46
CA ALA D 157 4.22 -34.05 -8.41
C ALA D 157 4.55 -33.06 -9.52
N ASN D 158 3.56 -32.25 -9.89
CA ASN D 158 3.74 -31.22 -10.92
C ASN D 158 3.22 -29.90 -10.36
N PHE D 159 4.13 -29.10 -9.83
CA PHE D 159 3.79 -27.77 -9.35
C PHE D 159 3.83 -26.80 -10.51
N SER D 160 2.71 -26.19 -10.83
CA SER D 160 2.66 -25.19 -11.88
C SER D 160 2.97 -23.83 -11.25
N ILE D 161 3.93 -23.11 -11.83
CA ILE D 161 4.29 -21.77 -11.40
C ILE D 161 4.13 -20.85 -12.61
N GLY D 162 3.28 -19.83 -12.46
CA GLY D 162 3.04 -18.90 -13.53
C GLY D 162 1.72 -18.18 -13.40
N PRO D 163 1.49 -17.16 -14.24
CA PRO D 163 2.41 -16.60 -15.24
C PRO D 163 3.63 -15.95 -14.61
N MET D 164 4.77 -15.96 -15.29
CA MET D 164 6.02 -15.59 -14.64
C MET D 164 6.07 -14.09 -14.37
N MET D 165 6.38 -13.73 -13.13
CA MET D 165 6.58 -12.35 -12.73
C MET D 165 7.77 -12.29 -11.80
N PHE D 166 8.25 -11.07 -11.53
CA PHE D 166 9.43 -10.89 -10.69
C PHE D 166 9.22 -11.39 -9.28
N ALA D 167 7.97 -11.46 -8.81
CA ALA D 167 7.69 -11.95 -7.47
C ALA D 167 7.71 -13.47 -7.37
N LEU D 168 7.56 -14.18 -8.48
CA LEU D 168 7.56 -15.64 -8.47
C LEU D 168 8.94 -16.23 -8.68
N ALA D 169 9.95 -15.41 -8.97
CA ALA D 169 11.30 -15.90 -9.22
C ALA D 169 12.09 -15.90 -7.92
N GLY D 170 12.86 -16.95 -7.71
CA GLY D 170 13.65 -17.08 -6.50
C GLY D 170 14.13 -18.50 -6.30
N THR D 171 14.60 -18.77 -5.08
CA THR D 171 15.07 -20.08 -4.71
C THR D 171 13.89 -20.90 -4.19
N TYR D 172 13.61 -22.02 -4.86
CA TYR D 172 12.56 -22.94 -4.46
C TYR D 172 13.17 -24.22 -3.91
N ARG D 173 12.53 -24.77 -2.89
CA ARG D 173 12.84 -26.10 -2.38
C ARG D 173 11.53 -26.86 -2.25
N CYS D 174 11.62 -28.18 -2.26
CA CYS D 174 10.42 -29.00 -2.07
C CYS D 174 10.71 -30.10 -1.07
N TYR D 175 9.69 -30.41 -0.27
CA TYR D 175 9.77 -31.32 0.86
C TYR D 175 8.72 -32.42 0.70
N GLY D 176 8.91 -33.52 1.44
CA GLY D 176 7.93 -34.58 1.45
C GLY D 176 7.54 -35.02 2.85
N SER D 177 6.26 -35.34 3.06
CA SER D 177 5.78 -35.79 4.35
C SER D 177 5.19 -37.19 4.26
N VAL D 178 5.23 -37.89 5.39
CA VAL D 178 4.70 -39.25 5.49
C VAL D 178 3.19 -39.15 5.69
N THR D 179 2.50 -40.28 5.56
CA THR D 179 1.04 -40.25 5.50
C THR D 179 0.40 -39.88 6.84
N HIS D 180 1.10 -40.12 7.95
CA HIS D 180 0.52 -39.94 9.27
C HIS D 180 1.28 -38.94 10.14
N THR D 181 2.24 -38.22 9.57
CA THR D 181 2.94 -37.14 10.27
C THR D 181 3.13 -36.02 9.26
N PRO D 182 2.07 -35.25 8.98
CA PRO D 182 2.16 -34.27 7.88
C PRO D 182 3.02 -33.07 8.21
N TYR D 183 3.08 -32.66 9.48
CA TYR D 183 3.83 -31.46 9.86
C TYR D 183 5.33 -31.71 9.95
N GLN D 184 5.78 -32.95 9.85
CA GLN D 184 7.20 -33.28 9.89
C GLN D 184 7.65 -33.55 8.45
N LEU D 185 8.32 -32.57 7.86
CA LEU D 185 8.76 -32.63 6.47
C LEU D 185 10.10 -33.35 6.36
N SER D 186 10.38 -33.83 5.15
CA SER D 186 11.69 -34.39 4.86
C SER D 186 12.74 -33.28 4.84
N ALA D 187 14.00 -33.68 4.65
CA ALA D 187 15.05 -32.69 4.48
C ALA D 187 14.79 -31.86 3.24
N PRO D 188 15.32 -30.64 3.19
CA PRO D 188 15.09 -29.79 2.00
C PRO D 188 15.79 -30.37 0.78
N SER D 189 15.04 -30.51 -0.31
CA SER D 189 15.64 -30.86 -1.58
C SER D 189 16.64 -29.79 -1.97
N ASP D 190 17.56 -30.16 -2.86
CA ASP D 190 18.59 -29.22 -3.30
C ASP D 190 17.94 -27.96 -3.87
N PRO D 191 18.39 -26.76 -3.47
CA PRO D 191 17.70 -25.53 -3.88
C PRO D 191 17.78 -25.33 -5.39
N LEU D 192 16.63 -25.05 -6.00
CA LEU D 192 16.55 -24.77 -7.43
C LEU D 192 16.25 -23.30 -7.63
N ASP D 193 17.14 -22.58 -8.29
CA ASP D 193 16.95 -21.16 -8.55
C ASP D 193 16.15 -20.99 -9.84
N ILE D 194 15.02 -20.32 -9.75
CA ILE D 194 14.16 -20.03 -10.88
C ILE D 194 14.29 -18.54 -11.17
N VAL D 195 14.85 -18.20 -12.33
CA VAL D 195 15.07 -16.82 -12.71
C VAL D 195 14.16 -16.47 -13.88
N VAL D 196 13.79 -15.20 -13.96
CA VAL D 196 12.90 -14.70 -15.01
C VAL D 196 13.72 -13.86 -15.98
N THR D 197 13.48 -14.07 -17.28
CA THR D 197 14.10 -13.28 -18.32
C THR D 197 13.09 -12.28 -18.86
N GLY D 198 13.50 -11.02 -18.95
CA GLY D 198 12.64 -9.97 -19.44
C GLY D 198 11.90 -9.26 -18.33
N PRO D 199 11.12 -8.23 -18.69
CA PRO D 199 10.88 -7.70 -20.05
C PRO D 199 12.03 -6.81 -20.52
N TYR D 200 13.12 -6.76 -19.75
CA TYR D 200 14.26 -5.92 -20.11
C TYR D 200 14.78 -6.28 -21.50
N GLU D 201 15.25 -5.25 -22.21
CA GLU D 201 15.69 -5.42 -23.59
C GLU D 201 16.88 -6.35 -23.67
N LYS D 202 16.93 -7.15 -24.73
CA LYS D 202 18.00 -8.10 -24.90
C LYS D 202 19.31 -7.39 -25.23
N PRO D 203 20.45 -7.91 -24.75
CA PRO D 203 21.75 -7.29 -25.08
C PRO D 203 22.31 -7.80 -26.40
N SER D 204 23.57 -7.47 -26.69
CA SER D 204 24.24 -7.96 -27.89
C SER D 204 25.45 -8.79 -27.48
N LEU D 205 25.69 -9.88 -28.22
CA LEU D 205 26.69 -10.88 -27.88
C LEU D 205 27.90 -10.77 -28.80
N SER D 206 29.09 -10.86 -28.21
CA SER D 206 30.35 -10.78 -28.94
C SER D 206 31.41 -11.51 -28.13
N ALA D 207 32.28 -12.24 -28.82
CA ALA D 207 33.26 -13.10 -28.15
C ALA D 207 34.59 -12.99 -28.88
N GLN D 208 35.39 -11.99 -28.49
CA GLN D 208 36.75 -11.91 -29.01
C GLN D 208 37.51 -13.18 -28.62
N PRO D 209 38.37 -13.70 -29.51
CA PRO D 209 38.81 -13.15 -30.80
C PRO D 209 37.88 -13.48 -31.96
N GLY D 210 36.95 -14.42 -31.78
CA GLY D 210 36.12 -14.91 -32.84
C GLY D 210 35.66 -16.33 -32.54
N PRO D 211 34.81 -16.89 -33.41
CA PRO D 211 34.30 -18.25 -33.21
C PRO D 211 35.23 -19.33 -33.78
N LYS D 212 36.49 -19.30 -33.37
CA LYS D 212 37.45 -20.31 -33.79
C LYS D 212 38.46 -20.56 -32.67
N VAL D 219 39.19 -17.91 -25.44
CA VAL D 219 37.87 -17.31 -25.63
C VAL D 219 37.50 -16.47 -24.41
N THR D 220 36.89 -15.31 -24.67
CA THR D 220 36.48 -14.38 -23.63
C THR D 220 35.11 -13.83 -23.97
N LEU D 221 34.22 -13.83 -22.98
CA LEU D 221 32.89 -13.28 -23.16
C LEU D 221 32.96 -11.77 -23.40
N SER D 222 31.92 -11.24 -24.04
CA SER D 222 31.78 -9.80 -24.26
C SER D 222 30.37 -9.42 -24.69
N CYS D 223 29.49 -9.13 -23.74
CA CYS D 223 28.15 -8.70 -24.07
C CYS D 223 28.00 -7.21 -23.81
N SER D 224 27.47 -6.51 -24.81
CA SER D 224 27.38 -5.06 -24.79
C SER D 224 25.92 -4.63 -24.92
N SER D 225 25.57 -3.57 -24.20
CA SER D 225 24.23 -3.02 -24.21
C SER D 225 24.30 -1.59 -23.71
N ARG D 226 23.43 -0.74 -24.25
CA ARG D 226 23.32 0.63 -23.76
C ARG D 226 22.77 0.67 -22.33
N SER D 227 21.89 -0.25 -21.99
CA SER D 227 21.32 -0.29 -20.65
C SER D 227 22.39 -0.66 -19.64
N SER D 228 22.39 0.03 -18.50
CA SER D 228 23.43 -0.10 -17.49
C SER D 228 23.20 -1.34 -16.62
N TYR D 229 23.21 -2.50 -17.26
CA TYR D 229 23.12 -3.76 -16.53
C TYR D 229 24.31 -3.90 -15.61
N ASP D 230 24.04 -4.26 -14.35
CA ASP D 230 25.11 -4.39 -13.37
C ASP D 230 25.89 -5.68 -13.52
N MET D 231 25.36 -6.68 -14.21
CA MET D 231 26.04 -7.97 -14.33
C MET D 231 25.55 -8.70 -15.56
N TYR D 232 26.48 -9.21 -16.37
CA TYR D 232 26.14 -10.01 -17.54
C TYR D 232 26.35 -11.48 -17.22
N HIS D 233 25.35 -12.29 -17.55
CA HIS D 233 25.39 -13.73 -17.31
C HIS D 233 25.41 -14.48 -18.65
N LEU D 234 26.24 -15.51 -18.75
CA LEU D 234 26.45 -16.21 -20.00
C LEU D 234 26.10 -17.70 -19.86
N SER D 235 25.56 -18.28 -20.92
CA SER D 235 25.24 -19.70 -20.94
C SER D 235 25.14 -20.18 -22.39
N ARG D 236 25.52 -21.43 -22.62
CA ARG D 236 25.42 -22.03 -23.94
C ARG D 236 24.28 -23.05 -23.96
N GLU D 237 24.14 -23.74 -25.09
CA GLU D 237 23.09 -24.75 -25.22
C GLU D 237 23.19 -25.82 -24.14
N GLY D 238 24.41 -26.17 -23.74
CA GLY D 238 24.63 -27.07 -22.62
C GLY D 238 25.08 -26.28 -21.39
N GLY D 239 24.48 -26.62 -20.25
CA GLY D 239 24.86 -25.96 -19.01
C GLY D 239 26.24 -26.38 -18.57
N ALA D 240 27.10 -25.40 -18.31
CA ALA D 240 28.48 -25.68 -17.89
C ALA D 240 28.99 -24.58 -16.97
N ARG D 244 28.35 -15.52 -13.62
CA ARG D 244 28.35 -14.08 -13.47
C ARG D 244 29.57 -13.45 -14.14
N LEU D 245 29.51 -12.13 -14.37
CA LEU D 245 30.58 -11.37 -14.98
C LEU D 245 30.25 -9.88 -14.91
N PRO D 246 30.79 -9.15 -13.93
CA PRO D 246 30.48 -7.72 -13.82
C PRO D 246 30.88 -6.94 -15.07
N ALA D 247 30.30 -5.76 -15.22
CA ALA D 247 30.45 -4.96 -16.43
C ALA D 247 30.98 -3.58 -16.09
N VAL D 248 31.35 -2.84 -17.14
CA VAL D 248 31.86 -1.48 -17.02
C VAL D 248 31.55 -0.75 -18.31
N ARG D 249 31.39 0.57 -18.20
CA ARG D 249 31.04 1.39 -19.35
C ARG D 249 32.25 1.63 -20.24
N LYS D 250 31.98 1.77 -21.54
CA LYS D 250 33.02 2.11 -22.49
C LYS D 250 33.00 3.61 -22.76
N VAL D 251 33.83 4.06 -23.70
CA VAL D 251 33.86 5.49 -24.03
C VAL D 251 32.56 5.90 -24.70
N ASN D 252 31.89 4.97 -25.38
CA ASN D 252 30.56 5.21 -25.93
C ASN D 252 29.47 5.05 -24.88
N ARG D 253 29.83 5.11 -23.61
CA ARG D 253 28.91 4.94 -22.48
C ARG D 253 28.30 3.54 -22.45
N THR D 254 28.72 2.68 -23.37
CA THR D 254 28.15 1.34 -23.49
C THR D 254 28.75 0.41 -22.45
N PHE D 255 27.88 -0.39 -21.83
CA PHE D 255 28.26 -1.31 -20.75
C PHE D 255 28.55 -2.67 -21.37
N GLN D 256 29.83 -2.95 -21.61
CA GLN D 256 30.28 -4.22 -22.15
C GLN D 256 30.76 -5.12 -21.02
N ALA D 257 30.97 -6.39 -21.35
CA ALA D 257 31.36 -7.42 -20.40
C ALA D 257 32.68 -8.05 -20.80
N ASP D 258 33.14 -8.98 -19.99
CA ASP D 258 34.38 -9.70 -20.26
C ASP D 258 34.31 -11.13 -19.71
N THR D 269 26.29 -22.21 -30.31
CA THR D 269 25.14 -21.49 -29.76
C THR D 269 25.43 -21.00 -28.34
N TYR D 270 25.60 -19.69 -28.21
CA TYR D 270 25.79 -19.04 -26.93
C TYR D 270 24.74 -17.94 -26.76
N ARG D 271 24.42 -17.64 -25.50
CA ARG D 271 23.42 -16.63 -25.14
C ARG D 271 23.90 -15.92 -23.89
N CYS D 272 23.52 -14.64 -23.77
CA CYS D 272 23.83 -13.88 -22.59
C CYS D 272 22.64 -13.03 -22.17
N PHE D 273 22.60 -12.69 -20.89
CA PHE D 273 21.54 -11.92 -20.27
C PHE D 273 22.14 -10.79 -19.45
N GLY D 274 21.31 -9.78 -19.18
CA GLY D 274 21.67 -8.67 -18.32
C GLY D 274 20.88 -8.75 -17.02
N SER D 275 21.52 -8.36 -15.93
CA SER D 275 20.94 -8.45 -14.60
C SER D 275 21.36 -7.23 -13.79
N PHE D 276 20.52 -6.89 -12.83
CA PHE D 276 20.75 -5.74 -11.96
C PHE D 276 21.15 -6.21 -10.58
N ARG D 277 21.96 -5.40 -9.90
CA ARG D 277 22.41 -5.76 -8.57
C ARG D 277 21.24 -5.77 -7.60
N HIS D 278 21.34 -6.64 -6.58
CA HIS D 278 20.31 -6.88 -5.58
C HIS D 278 19.06 -7.51 -6.18
N SER D 279 19.02 -7.67 -7.51
CA SER D 279 17.94 -8.36 -8.20
C SER D 279 18.55 -9.50 -9.01
N PRO D 280 19.07 -10.54 -8.36
CA PRO D 280 19.78 -11.59 -9.09
C PRO D 280 18.87 -12.56 -9.82
N TYR D 281 17.61 -12.65 -9.45
CA TYR D 281 16.70 -13.63 -10.04
C TYR D 281 15.88 -13.05 -11.18
N GLU D 282 16.18 -11.83 -11.62
CA GLU D 282 15.45 -11.19 -12.69
C GLU D 282 16.46 -10.78 -13.75
N TRP D 283 16.43 -11.46 -14.88
CA TRP D 283 17.36 -11.23 -15.98
C TRP D 283 16.63 -10.55 -17.14
N SER D 284 17.43 -10.09 -18.10
CA SER D 284 16.90 -9.45 -19.28
C SER D 284 16.41 -10.50 -20.28
N ASP D 285 15.93 -10.02 -21.43
CA ASP D 285 15.61 -10.93 -22.52
C ASP D 285 16.89 -11.60 -23.01
N PRO D 286 16.80 -12.82 -23.53
CA PRO D 286 18.00 -13.49 -24.05
C PRO D 286 18.55 -12.76 -25.26
N SER D 287 19.87 -12.63 -25.30
CA SER D 287 20.54 -12.11 -26.49
C SER D 287 20.39 -13.07 -27.65
N ASP D 288 20.60 -12.57 -28.86
CA ASP D 288 20.51 -13.43 -30.04
C ASP D 288 21.54 -14.54 -29.96
N PRO D 289 21.19 -15.76 -30.37
CA PRO D 289 22.17 -16.86 -30.32
C PRO D 289 23.26 -16.70 -31.37
N LEU D 290 24.49 -16.98 -30.96
CA LEU D 290 25.66 -16.79 -31.80
C LEU D 290 26.43 -18.10 -31.91
N LEU D 291 27.01 -18.35 -33.08
CA LEU D 291 27.77 -19.58 -33.33
C LEU D 291 28.98 -19.70 -32.41
C1 NAG E . -5.80 -25.02 11.45
C2 NAG E . -6.28 -25.38 10.04
C3 NAG E . -7.44 -24.49 9.61
C4 NAG E . -8.54 -24.50 10.66
C5 NAG E . -7.91 -24.04 11.99
C6 NAG E . -8.91 -23.92 13.12
C7 NAG E . -4.93 -26.08 8.07
C8 NAG E . -5.84 -27.29 7.94
N2 NAG E . -5.21 -25.24 9.08
O3 NAG E . -7.90 -24.92 8.35
O4 NAG E . -9.58 -23.65 10.23
O5 NAG E . -6.90 -24.96 12.33
O6 NAG E . -9.50 -25.17 13.40
O7 NAG E . -4.01 -25.91 7.29
C1 NAG F . 3.94 -33.88 -15.08
C2 NAG F . 2.95 -34.59 -16.01
C3 NAG F . 3.67 -35.39 -17.09
C4 NAG F . 4.75 -34.54 -17.75
C5 NAG F . 5.67 -33.96 -16.67
C6 NAG F . 6.80 -33.12 -17.21
C7 NAG F . 2.36 -36.49 -14.50
C8 NAG F . 1.19 -37.17 -13.84
N2 NAG F . 2.04 -35.43 -15.27
O3 NAG F . 2.71 -35.84 -18.02
O4 NAG F . 5.46 -35.38 -18.64
O5 NAG F . 4.88 -33.15 -15.82
O6 NAG F . 7.38 -33.79 -18.31
O7 NAG F . 3.50 -36.90 -14.32
#